data_5VDQ
#
_entry.id   5VDQ
#
_cell.length_a   215.211
_cell.length_b   47.632
_cell.length_c   88.365
_cell.angle_alpha   90.000
_cell.angle_beta   110.050
_cell.angle_gamma   90.000
#
_symmetry.space_group_name_H-M   'C 1 2 1'
#
loop_
_entity.id
_entity.type
_entity.pdbx_description
1 polymer 'Cyclic GMP-AMP synthase'
2 non-polymer 'ZINC ION'
3 non-polymer "2',5'-GpAp"
#
_entity_poly.entity_id   1
_entity_poly.type   'polypeptide(L)'
_entity_poly.pdbx_seq_one_letter_code
;MGASKLRAVLEKLKLSRDDISTAAGMVKGVVDHLLLRLKCDSAFRGVGLLNTGSYYEHVKISAPNEFDVMFKLEVPRIQL
EEYSNTRAYYFVKFKRNPKENPLSQFLEGEILSASKMLSKFRKIIKEEINDIKDTDVIMKRKRGGSPAVTLLISEKISVD
ITLALESKSSWPASTQEGLRIQNWLSAKVRKQLRLKPFYLVPKHAKEGNGFQEETWRLSFSHIEKEILNNHGKSKTCCEN
KEEKCCRKDCLKLMKYLLEQLKERFKDKKHLDKFSSYHVKTAFFHVCTQNPQDSQWDRKDLGLCFDNCVTYFLQCLRTEK
LENYFIPEFNLFSSNLIDKRSKEFLTKQIEYERNNEFPVFDEF
;
_entity_poly.pdbx_strand_id   A,B
#
loop_
_chem_comp.id
_chem_comp.type
_chem_comp.name
_chem_comp.formula
9BG non-polymer 2',5'-GpAp 'C20 H26 N10 O14 P2'
ZN non-polymer 'ZINC ION' 'Zn 2'
#
# COMPACT_ATOMS: atom_id res chain seq x y z
N MET A 1 -33.37 -1.59 19.39
CA MET A 1 -32.28 -2.00 20.26
C MET A 1 -31.38 -0.82 20.59
N GLY A 2 -31.21 -0.55 21.89
CA GLY A 2 -30.41 0.57 22.34
C GLY A 2 -28.94 0.43 22.02
N ALA A 3 -28.31 1.54 21.62
CA ALA A 3 -26.90 1.55 21.27
C ALA A 3 -26.03 1.22 22.48
N SER A 4 -26.42 1.73 23.64
CA SER A 4 -25.69 1.48 24.87
C SER A 4 -25.81 0.02 25.31
N LYS A 5 -26.91 -0.62 24.92
CA LYS A 5 -27.13 -2.02 25.23
C LYS A 5 -26.18 -2.89 24.40
N LEU A 6 -26.14 -2.61 23.10
CA LEU A 6 -25.26 -3.32 22.18
C LEU A 6 -23.80 -3.12 22.56
N ARG A 7 -23.45 -1.86 22.87
CA ARG A 7 -22.09 -1.53 23.26
C ARG A 7 -21.76 -2.09 24.64
N ALA A 8 -22.79 -2.41 25.42
CA ALA A 8 -22.60 -3.07 26.70
C ALA A 8 -22.28 -4.55 26.45
N VAL A 9 -22.92 -5.11 25.42
CA VAL A 9 -22.64 -6.48 25.01
C VAL A 9 -21.21 -6.59 24.51
N LEU A 10 -20.85 -5.73 23.56
CA LEU A 10 -19.49 -5.69 23.02
C LEU A 10 -18.48 -5.37 24.11
N GLU A 11 -18.90 -4.58 25.08
CA GLU A 11 -18.07 -4.24 26.23
C GLU A 11 -17.77 -5.48 27.06
N LYS A 12 -18.79 -6.32 27.27
CA LYS A 12 -18.61 -7.55 28.05
C LYS A 12 -18.04 -8.69 27.23
N LEU A 13 -17.85 -8.47 25.93
CA LEU A 13 -17.27 -9.50 25.07
C LEU A 13 -15.76 -9.40 24.93
N LYS A 14 -15.19 -8.27 25.31
CA LYS A 14 -13.76 -8.05 25.20
C LYS A 14 -12.99 -8.98 26.15
N LEU A 15 -11.97 -9.64 25.63
CA LEU A 15 -11.18 -10.57 26.43
C LEU A 15 -9.91 -9.90 26.96
N SER A 16 -9.41 -10.41 28.08
CA SER A 16 -8.22 -9.88 28.72
C SER A 16 -6.97 -10.10 27.87
N ARG A 17 -5.94 -9.29 28.11
CA ARG A 17 -4.70 -9.39 27.37
C ARG A 17 -3.97 -10.70 27.67
N ASP A 18 -4.17 -11.21 28.88
CA ASP A 18 -3.52 -12.44 29.32
C ASP A 18 -4.07 -13.66 28.60
N ASP A 19 -5.40 -13.74 28.51
CA ASP A 19 -6.08 -14.85 27.86
C ASP A 19 -5.74 -14.92 26.37
N ILE A 20 -5.51 -13.77 25.77
CA ILE A 20 -5.14 -13.70 24.36
C ILE A 20 -3.67 -14.05 24.19
N SER A 21 -2.83 -13.54 25.08
CA SER A 21 -1.39 -13.74 24.99
C SER A 21 -0.96 -15.18 25.23
N THR A 22 -1.63 -15.86 26.15
CA THR A 22 -1.30 -17.26 26.45
C THR A 22 -1.60 -18.17 25.26
N ALA A 23 -2.86 -18.14 24.82
CA ALA A 23 -3.29 -18.94 23.69
C ALA A 23 -2.50 -18.59 22.44
N ALA A 24 -2.29 -17.29 22.22
CA ALA A 24 -1.50 -16.81 21.09
C ALA A 24 -0.07 -17.36 21.18
N GLY A 25 0.41 -17.55 22.41
CA GLY A 25 1.73 -18.10 22.63
C GLY A 25 1.81 -19.57 22.26
N MET A 26 0.86 -20.35 22.75
CA MET A 26 0.81 -21.78 22.43
C MET A 26 0.66 -22.01 20.93
N VAL A 27 -0.32 -21.33 20.34
CA VAL A 27 -0.57 -21.42 18.90
C VAL A 27 0.66 -20.98 18.12
N LYS A 28 1.31 -19.93 18.58
CA LYS A 28 2.53 -19.43 17.93
C LYS A 28 3.60 -20.51 17.92
N GLY A 29 3.81 -21.15 19.07
CA GLY A 29 4.79 -22.22 19.18
C GLY A 29 4.50 -23.38 18.25
N VAL A 30 3.28 -23.90 18.32
CA VAL A 30 2.87 -25.03 17.50
C VAL A 30 3.00 -24.71 16.00
N VAL A 31 2.56 -23.51 15.62
CA VAL A 31 2.63 -23.08 14.23
C VAL A 31 4.07 -22.99 13.74
N ASP A 32 4.94 -22.39 14.55
CA ASP A 32 6.36 -22.29 14.19
C ASP A 32 6.99 -23.66 14.02
N HIS A 33 6.69 -24.57 14.94
CA HIS A 33 7.20 -25.93 14.86
C HIS A 33 6.72 -26.63 13.57
N LEU A 34 5.42 -26.57 13.34
CA LEU A 34 4.81 -27.19 12.16
C LEU A 34 5.37 -26.63 10.86
N LEU A 35 5.69 -25.35 10.86
CA LEU A 35 6.24 -24.69 9.68
C LEU A 35 7.68 -25.16 9.44
N LEU A 36 8.49 -25.08 10.49
CA LEU A 36 9.90 -25.48 10.43
C LEU A 36 10.04 -26.94 9.97
N ARG A 37 9.12 -27.78 10.43
CA ARG A 37 9.14 -29.18 10.02
C ARG A 37 8.55 -29.38 8.61
N LEU A 38 7.55 -28.57 8.28
CA LEU A 38 6.94 -28.65 6.95
C LEU A 38 7.94 -28.31 5.87
N LYS A 39 8.94 -27.49 6.23
CA LYS A 39 9.97 -27.13 5.27
C LYS A 39 11.00 -28.24 5.04
N CYS A 40 10.77 -29.41 5.65
CA CYS A 40 11.65 -30.56 5.44
C CYS A 40 11.27 -31.38 4.20
N ASP A 41 10.15 -31.03 3.58
CA ASP A 41 9.73 -31.69 2.35
C ASP A 41 10.02 -30.82 1.14
N SER A 42 10.37 -31.44 0.02
CA SER A 42 10.71 -30.69 -1.18
C SER A 42 9.50 -29.95 -1.73
N ALA A 43 8.32 -30.53 -1.53
CA ALA A 43 7.08 -29.92 -2.01
C ALA A 43 6.69 -28.72 -1.17
N PHE A 44 6.74 -28.87 0.15
CA PHE A 44 6.38 -27.80 1.07
C PHE A 44 7.61 -27.09 1.60
N ARG A 45 8.65 -27.03 0.79
CA ARG A 45 9.89 -26.36 1.18
C ARG A 45 9.69 -24.85 1.17
N GLY A 46 8.89 -24.37 0.23
CA GLY A 46 8.62 -22.95 0.10
C GLY A 46 7.35 -22.51 0.81
N VAL A 47 6.99 -23.22 1.87
CA VAL A 47 5.79 -22.91 2.63
C VAL A 47 6.02 -21.63 3.43
N GLY A 48 4.95 -20.94 3.79
CA GLY A 48 5.07 -19.72 4.57
C GLY A 48 3.79 -19.30 5.26
N LEU A 49 3.93 -18.62 6.38
CA LEU A 49 2.77 -18.16 7.14
C LEU A 49 2.16 -16.92 6.48
N LEU A 50 0.85 -17.00 6.20
CA LEU A 50 0.15 -15.86 5.61
C LEU A 50 -0.53 -15.06 6.71
N ASN A 51 -0.23 -13.76 6.75
CA ASN A 51 -0.71 -12.91 7.82
C ASN A 51 -2.17 -12.51 7.62
N THR A 52 -3.07 -13.26 8.24
CA THR A 52 -4.48 -12.93 8.24
C THR A 52 -4.77 -12.25 9.58
N GLY A 53 -3.70 -12.01 10.32
CA GLY A 53 -3.79 -11.35 11.62
C GLY A 53 -3.85 -12.34 12.76
N SER A 54 -4.48 -13.48 12.50
CA SER A 54 -4.72 -14.53 13.50
C SER A 54 -5.62 -14.04 14.63
N TYR A 55 -6.14 -12.82 14.50
CA TYR A 55 -7.07 -12.27 15.48
C TYR A 55 -8.27 -11.69 14.75
N TYR A 56 -9.20 -11.12 15.51
CA TYR A 56 -10.46 -10.61 14.98
C TYR A 56 -11.24 -11.69 14.24
N GLU A 57 -10.97 -12.95 14.58
CA GLU A 57 -11.58 -14.08 13.89
C GLU A 57 -12.72 -14.69 14.73
N HIS A 58 -12.50 -14.78 16.03
CA HIS A 58 -13.49 -15.38 16.92
C HIS A 58 -13.73 -14.52 18.15
N VAL A 59 -15.02 -14.29 18.33
CA VAL A 59 -15.65 -13.51 19.36
C VAL A 59 -16.13 -14.41 20.49
N ALA A 63 -15.71 -18.32 21.82
CA ALA A 63 -14.78 -19.05 20.96
C ALA A 63 -13.34 -18.56 21.07
N PRO A 64 -13.08 -17.55 21.98
CA PRO A 64 -11.68 -17.10 22.03
C PRO A 64 -10.58 -18.15 22.06
N ASN A 65 -10.93 -19.42 21.97
CA ASN A 65 -9.93 -20.44 21.96
C ASN A 65 -9.82 -20.98 20.56
N GLU A 66 -10.37 -20.27 19.59
CA GLU A 66 -10.28 -20.77 18.23
C GLU A 66 -9.48 -19.81 17.36
N PHE A 67 -8.46 -20.34 16.70
CA PHE A 67 -7.60 -19.54 15.84
C PHE A 67 -7.70 -19.98 14.39
N ASP A 68 -7.28 -19.10 13.48
CA ASP A 68 -7.33 -19.40 12.06
C ASP A 68 -6.06 -18.91 11.35
N VAL A 69 -5.17 -19.85 11.07
CA VAL A 69 -3.93 -19.55 10.37
C VAL A 69 -3.97 -20.11 8.96
N MET A 70 -3.26 -19.47 8.05
CA MET A 70 -3.24 -19.88 6.65
C MET A 70 -1.82 -20.12 6.16
N PHE A 71 -1.55 -21.33 5.67
CA PHE A 71 -0.22 -21.65 5.16
C PHE A 71 -0.16 -21.47 3.64
N LYS A 72 0.41 -20.36 3.22
CA LYS A 72 0.54 -20.06 1.80
C LYS A 72 1.72 -20.82 1.20
N LEU A 73 1.53 -21.25 -0.05
CA LEU A 73 2.56 -21.96 -0.79
C LEU A 73 2.76 -21.30 -2.15
N GLU A 74 3.98 -20.84 -2.40
CA GLU A 74 4.28 -20.08 -3.61
C GLU A 74 4.34 -20.99 -4.85
N VAL A 75 3.51 -20.68 -5.83
CA VAL A 75 3.51 -21.39 -7.12
C VAL A 75 3.72 -20.40 -8.26
N PRO A 76 4.63 -20.72 -9.18
CA PRO A 76 5.03 -19.78 -10.22
C PRO A 76 4.28 -19.93 -11.54
N ARG A 77 3.61 -18.84 -11.94
CA ARG A 77 2.96 -18.73 -13.24
C ARG A 77 2.06 -19.92 -13.55
N ILE A 78 1.07 -20.14 -12.69
CA ILE A 78 0.11 -21.22 -12.88
C ILE A 78 -0.99 -20.81 -13.85
N GLN A 79 -1.55 -21.81 -14.53
CA GLN A 79 -2.68 -21.60 -15.43
C GLN A 79 -3.93 -22.26 -14.87
N LEU A 80 -4.97 -21.47 -14.64
CA LEU A 80 -6.20 -21.98 -14.06
C LEU A 80 -7.20 -22.36 -15.15
N GLU A 81 -8.08 -23.28 -14.83
CA GLU A 81 -9.18 -23.62 -15.74
C GLU A 81 -10.51 -23.69 -14.98
N GLU A 82 -11.39 -22.73 -15.26
CA GLU A 82 -12.67 -22.64 -14.56
C GLU A 82 -13.51 -23.89 -14.73
N TYR A 83 -13.92 -24.47 -13.61
CA TYR A 83 -14.64 -25.74 -13.63
C TYR A 83 -16.16 -25.56 -13.70
N SER A 84 -16.74 -26.01 -14.79
CA SER A 84 -18.20 -26.04 -14.97
C SER A 84 -18.86 -24.68 -14.73
N ASN A 85 -18.11 -23.62 -14.98
CA ASN A 85 -18.60 -22.25 -14.82
C ASN A 85 -19.11 -21.95 -13.40
N THR A 86 -18.43 -22.51 -12.39
CA THR A 86 -18.77 -22.26 -11.00
C THR A 86 -18.22 -20.92 -10.52
N ARG A 87 -17.35 -20.32 -11.35
CA ARG A 87 -16.81 -18.98 -11.14
C ARG A 87 -15.89 -18.86 -9.93
N ALA A 88 -15.83 -19.90 -9.10
CA ALA A 88 -15.05 -19.84 -7.87
C ALA A 88 -14.09 -21.01 -7.76
N TYR A 89 -14.39 -22.08 -8.50
CA TYR A 89 -13.58 -23.29 -8.46
C TYR A 89 -12.81 -23.49 -9.76
N TYR A 90 -11.53 -23.81 -9.63
CA TYR A 90 -10.64 -23.91 -10.78
C TYR A 90 -9.73 -25.15 -10.73
N PHE A 91 -9.24 -25.56 -11.90
CA PHE A 91 -8.21 -26.59 -11.98
C PHE A 91 -6.85 -25.91 -12.11
N VAL A 92 -5.85 -26.45 -11.41
CA VAL A 92 -4.52 -25.86 -11.43
C VAL A 92 -3.59 -26.59 -12.38
N LYS A 93 -2.98 -25.84 -13.28
CA LYS A 93 -2.00 -26.39 -14.23
C LYS A 93 -0.73 -25.55 -14.17
N PHE A 94 0.36 -26.09 -14.69
CA PHE A 94 1.62 -25.34 -14.77
C PHE A 94 2.01 -25.10 -16.22
N LYS A 95 2.41 -23.87 -16.53
CA LYS A 95 2.73 -23.49 -17.91
C LYS A 95 3.87 -24.32 -18.50
N ARG A 96 4.95 -24.47 -17.73
CA ARG A 96 6.09 -25.27 -18.17
C ARG A 96 6.60 -26.18 -17.06
N ASN A 97 6.74 -27.47 -17.38
CA ASN A 97 7.34 -28.42 -16.44
C ASN A 97 8.61 -29.16 -16.93
N PRO A 98 9.44 -28.54 -17.80
CA PRO A 98 10.70 -29.26 -18.03
C PRO A 98 11.57 -29.21 -16.78
N LYS A 99 11.61 -28.05 -16.13
CA LYS A 99 12.30 -27.91 -14.86
C LYS A 99 11.53 -28.72 -13.82
N GLU A 100 12.26 -29.36 -12.91
CA GLU A 100 11.62 -30.23 -11.92
C GLU A 100 10.68 -29.44 -11.03
N ASN A 101 9.49 -30.00 -10.83
CA ASN A 101 8.45 -29.35 -10.04
C ASN A 101 8.29 -30.08 -8.70
N PRO A 102 8.36 -29.33 -7.59
CA PRO A 102 8.18 -29.91 -6.26
C PRO A 102 6.82 -30.57 -6.08
N LEU A 103 5.80 -30.02 -6.72
CA LEU A 103 4.43 -30.54 -6.60
C LEU A 103 4.10 -31.58 -7.67
N SER A 104 5.09 -31.94 -8.49
CA SER A 104 4.87 -32.89 -9.57
C SER A 104 4.39 -34.26 -9.07
N GLN A 105 4.74 -34.59 -7.84
CA GLN A 105 4.27 -35.85 -7.23
C GLN A 105 2.76 -35.88 -7.09
N PHE A 106 2.16 -34.70 -6.94
CA PHE A 106 0.72 -34.58 -6.75
C PHE A 106 -0.04 -34.42 -8.06
N LEU A 107 0.70 -34.31 -9.17
CA LEU A 107 0.06 -34.15 -10.48
C LEU A 107 -0.70 -35.41 -10.89
N GLU A 108 -1.99 -35.23 -11.17
CA GLU A 108 -2.82 -36.31 -11.70
C GLU A 108 -3.11 -36.03 -13.17
N GLY A 109 -2.05 -36.07 -13.98
CA GLY A 109 -2.16 -35.70 -15.38
C GLY A 109 -1.51 -34.35 -15.59
N GLU A 110 -2.27 -33.42 -16.16
CA GLU A 110 -1.79 -32.05 -16.29
C GLU A 110 -2.41 -31.21 -15.17
N ILE A 111 -3.40 -31.79 -14.50
CA ILE A 111 -4.11 -31.11 -13.43
C ILE A 111 -3.56 -31.49 -12.07
N LEU A 112 -3.22 -30.48 -11.27
CA LEU A 112 -2.72 -30.69 -9.92
C LEU A 112 -3.83 -31.14 -8.98
N SER A 113 -3.65 -32.32 -8.38
CA SER A 113 -4.65 -32.88 -7.49
C SER A 113 -4.64 -32.21 -6.13
N ALA A 114 -5.79 -31.64 -5.75
CA ALA A 114 -5.92 -30.95 -4.47
C ALA A 114 -6.01 -31.95 -3.31
N SER A 115 -6.74 -33.03 -3.54
CA SER A 115 -6.95 -34.05 -2.53
C SER A 115 -5.65 -34.71 -2.09
N LYS A 116 -4.74 -34.93 -3.04
CA LYS A 116 -3.45 -35.56 -2.74
C LYS A 116 -2.56 -34.61 -1.93
N MET A 117 -2.52 -33.35 -2.32
CA MET A 117 -1.75 -32.35 -1.58
C MET A 117 -2.28 -32.20 -0.16
N LEU A 118 -3.60 -32.18 -0.03
CA LEU A 118 -4.23 -32.07 1.28
C LEU A 118 -3.97 -33.32 2.11
N SER A 119 -3.92 -34.48 1.45
CA SER A 119 -3.65 -35.74 2.14
C SER A 119 -2.24 -35.77 2.68
N LYS A 120 -1.28 -35.38 1.85
CA LYS A 120 0.13 -35.34 2.25
C LYS A 120 0.32 -34.33 3.37
N PHE A 121 -0.26 -33.15 3.19
CA PHE A 121 -0.19 -32.06 4.16
C PHE A 121 -0.70 -32.52 5.53
N ARG A 122 -1.95 -33.00 5.54
CA ARG A 122 -2.60 -33.49 6.76
C ARG A 122 -1.85 -34.67 7.38
N LYS A 123 -1.20 -35.48 6.54
CA LYS A 123 -0.44 -36.63 7.03
C LYS A 123 0.87 -36.21 7.71
N ILE A 124 1.57 -35.26 7.10
CA ILE A 124 2.79 -34.71 7.69
C ILE A 124 2.46 -34.11 9.04
N ILE A 125 1.43 -33.27 9.05
CA ILE A 125 1.01 -32.62 10.29
C ILE A 125 0.60 -33.66 11.33
N LYS A 126 -0.18 -34.64 10.89
CA LYS A 126 -0.69 -35.70 11.77
C LYS A 126 0.45 -36.49 12.42
N GLU A 127 1.51 -36.73 11.65
CA GLU A 127 2.68 -37.42 12.16
C GLU A 127 3.43 -36.54 13.17
N GLU A 128 3.56 -35.26 12.85
CA GLU A 128 4.43 -34.38 13.64
C GLU A 128 3.80 -33.84 14.93
N ILE A 129 2.47 -33.81 14.99
CA ILE A 129 1.77 -33.32 16.17
C ILE A 129 1.81 -34.31 17.34
N ASN A 130 2.28 -35.51 17.08
CA ASN A 130 2.31 -36.55 18.11
C ASN A 130 3.29 -36.25 19.24
N ASP A 131 2.96 -35.21 20.00
CA ASP A 131 3.66 -34.84 21.23
C ASP A 131 5.17 -34.65 21.11
N ILE A 132 5.66 -34.32 19.91
CA ILE A 132 7.08 -34.11 19.73
C ILE A 132 7.47 -32.80 20.44
N LYS A 133 6.48 -31.92 20.60
CA LYS A 133 6.68 -30.64 21.26
C LYS A 133 6.57 -30.79 22.76
N ASP A 134 6.48 -29.66 23.45
CA ASP A 134 6.22 -29.67 24.89
C ASP A 134 4.73 -29.47 25.15
N THR A 135 3.99 -29.19 24.07
CA THR A 135 2.55 -29.00 24.15
C THR A 135 1.79 -30.24 23.69
N ASP A 136 0.64 -30.49 24.31
CA ASP A 136 -0.20 -31.63 23.95
C ASP A 136 -1.19 -31.23 22.86
N VAL A 137 -1.00 -31.79 21.66
CA VAL A 137 -1.82 -31.45 20.51
C VAL A 137 -2.37 -32.71 19.86
N ILE A 138 -3.64 -32.65 19.46
CA ILE A 138 -4.30 -33.79 18.82
C ILE A 138 -5.00 -33.28 17.54
N MET A 139 -5.20 -34.14 16.56
CA MET A 139 -5.92 -33.74 15.35
C MET A 139 -7.36 -34.20 15.35
N LYS A 140 -8.26 -33.29 15.02
CA LYS A 140 -9.69 -33.59 14.97
C LYS A 140 -10.03 -34.49 13.77
N ARG A 141 -11.23 -35.03 13.77
CA ARG A 141 -11.69 -35.90 12.69
C ARG A 141 -11.75 -35.15 11.37
N LYS A 142 -11.60 -35.87 10.26
CA LYS A 142 -11.66 -35.26 8.94
C LYS A 142 -13.05 -34.71 8.65
N ARG A 143 -13.13 -33.40 8.44
CA ARG A 143 -14.42 -32.75 8.19
C ARG A 143 -14.85 -32.96 6.74
N GLY A 144 -16.15 -32.89 6.51
CA GLY A 144 -16.70 -33.10 5.18
C GLY A 144 -16.59 -31.90 4.28
N GLY A 145 -15.74 -32.00 3.25
CA GLY A 145 -15.59 -30.93 2.28
C GLY A 145 -14.84 -29.71 2.79
N SER A 146 -14.17 -29.84 3.92
CA SER A 146 -13.42 -28.74 4.49
C SER A 146 -11.93 -28.84 4.15
N PRO A 147 -11.34 -27.73 3.69
CA PRO A 147 -9.92 -27.67 3.33
C PRO A 147 -9.01 -27.49 4.53
N ALA A 148 -9.61 -27.26 5.69
CA ALA A 148 -8.86 -26.97 6.91
C ALA A 148 -8.46 -28.23 7.67
N VAL A 149 -7.27 -28.19 8.26
CA VAL A 149 -6.79 -29.23 9.16
C VAL A 149 -6.74 -28.65 10.56
N THR A 150 -7.67 -29.07 11.41
CA THR A 150 -7.81 -28.47 12.73
C THR A 150 -7.09 -29.27 13.81
N LEU A 151 -6.45 -28.56 14.73
CA LEU A 151 -5.74 -29.18 15.84
C LEU A 151 -6.25 -28.63 17.18
N LEU A 152 -6.21 -29.49 18.20
CA LEU A 152 -6.63 -29.12 19.55
C LEU A 152 -5.42 -29.15 20.48
N ILE A 153 -5.17 -28.03 21.14
CA ILE A 153 -4.02 -27.86 22.01
C ILE A 153 -4.51 -27.75 23.46
N SER A 154 -3.97 -28.62 24.33
CA SER A 154 -4.30 -28.65 25.74
C SER A 154 -5.80 -28.84 25.98
N GLU A 155 -6.48 -29.41 24.99
CA GLU A 155 -7.91 -29.69 25.07
C GLU A 155 -8.73 -28.42 25.28
N LYS A 156 -8.15 -27.28 24.94
CA LYS A 156 -8.81 -25.99 25.14
C LYS A 156 -8.69 -25.05 23.95
N ILE A 157 -7.68 -25.28 23.11
CA ILE A 157 -7.43 -24.36 21.99
C ILE A 157 -7.66 -25.04 20.64
N SER A 158 -8.38 -24.38 19.75
CA SER A 158 -8.61 -24.91 18.41
C SER A 158 -7.90 -24.07 17.35
N VAL A 159 -7.16 -24.75 16.47
CA VAL A 159 -6.41 -24.05 15.43
C VAL A 159 -6.70 -24.67 14.06
N ASP A 160 -7.28 -23.91 13.15
CA ASP A 160 -7.54 -24.39 11.80
C ASP A 160 -6.42 -24.00 10.85
N ILE A 161 -5.78 -24.99 10.24
CA ILE A 161 -4.66 -24.75 9.36
C ILE A 161 -5.04 -25.07 7.93
N THR A 162 -5.10 -24.05 7.08
CA THR A 162 -5.51 -24.24 5.70
C THR A 162 -4.37 -23.94 4.72
N LEU A 163 -4.05 -24.94 3.89
CA LEU A 163 -3.03 -24.77 2.86
C LEU A 163 -3.57 -23.92 1.71
N ALA A 164 -2.72 -23.05 1.16
CA ALA A 164 -3.15 -22.15 0.10
C ALA A 164 -2.07 -21.95 -0.96
N LEU A 165 -2.46 -22.08 -2.22
CA LEU A 165 -1.58 -21.76 -3.34
C LEU A 165 -1.64 -20.27 -3.62
N GLU A 166 -0.48 -19.62 -3.65
CA GLU A 166 -0.42 -18.18 -3.88
C GLU A 166 -0.09 -17.89 -5.33
N SER A 167 -0.97 -17.15 -6.00
CA SER A 167 -0.75 -16.77 -7.38
C SER A 167 -0.59 -15.25 -7.48
N LYS A 168 0.59 -14.83 -7.91
CA LYS A 168 0.90 -13.41 -8.06
C LYS A 168 0.44 -12.88 -9.42
N SER A 169 -0.27 -13.72 -10.18
CA SER A 169 -0.81 -13.30 -11.47
C SER A 169 -2.04 -12.43 -11.27
N SER A 170 -2.56 -11.86 -12.36
CA SER A 170 -3.76 -11.04 -12.30
C SER A 170 -4.95 -11.91 -11.92
N TRP A 171 -5.90 -11.32 -11.18
CA TRP A 171 -7.07 -12.05 -10.69
C TRP A 171 -7.93 -12.56 -11.84
N PRO A 172 -8.59 -13.71 -11.64
CA PRO A 172 -9.49 -14.33 -12.63
C PRO A 172 -10.59 -13.39 -13.12
N ALA A 173 -11.13 -13.66 -14.29
CA ALA A 173 -12.14 -12.81 -14.91
C ALA A 173 -13.46 -12.85 -14.14
N SER A 174 -13.62 -13.85 -13.28
CA SER A 174 -14.83 -13.99 -12.48
C SER A 174 -14.87 -12.95 -11.37
N THR A 175 -13.71 -12.33 -11.09
CA THR A 175 -13.61 -11.34 -10.03
C THR A 175 -13.65 -9.93 -10.59
N GLN A 176 -13.82 -9.82 -11.91
CA GLN A 176 -13.81 -8.54 -12.60
C GLN A 176 -14.86 -7.57 -12.06
N GLU A 177 -16.09 -8.05 -11.92
CA GLU A 177 -17.19 -7.20 -11.46
C GLU A 177 -17.29 -7.19 -9.94
N GLY A 178 -16.38 -7.88 -9.27
CA GLY A 178 -16.39 -7.97 -7.83
C GLY A 178 -15.66 -6.82 -7.17
N LEU A 179 -15.68 -6.79 -5.84
CA LEU A 179 -14.99 -5.77 -5.07
C LEU A 179 -15.44 -4.36 -5.47
N ARG A 180 -16.74 -4.13 -5.42
CA ARG A 180 -17.30 -2.82 -5.75
C ARG A 180 -17.04 -1.84 -4.61
N ILE A 181 -15.79 -1.40 -4.48
CA ILE A 181 -15.40 -0.50 -3.41
C ILE A 181 -15.01 0.87 -3.94
N GLN A 182 -15.39 1.15 -5.18
CA GLN A 182 -15.05 2.42 -5.81
C GLN A 182 -15.63 3.63 -5.08
N ASN A 183 -16.93 3.60 -4.81
CA ASN A 183 -17.57 4.73 -4.14
C ASN A 183 -17.27 4.74 -2.64
N TRP A 184 -16.61 3.69 -2.16
CA TRP A 184 -16.36 3.52 -0.74
C TRP A 184 -14.90 3.78 -0.38
N LEU A 185 -13.99 2.95 -0.91
CA LEU A 185 -12.58 3.05 -0.58
C LEU A 185 -11.76 3.58 -1.73
N SER A 186 -12.44 4.09 -2.76
CA SER A 186 -11.85 4.67 -3.98
C SER A 186 -11.35 3.61 -4.96
N ALA A 187 -11.35 3.97 -6.24
CA ALA A 187 -10.94 3.07 -7.32
C ALA A 187 -9.44 2.85 -7.30
N LYS A 188 -8.72 3.83 -6.75
CA LYS A 188 -7.27 3.75 -6.62
C LYS A 188 -6.87 2.61 -5.67
N VAL A 189 -7.57 2.52 -4.55
CA VAL A 189 -7.32 1.47 -3.57
C VAL A 189 -7.73 0.11 -4.14
N ARG A 190 -8.83 0.08 -4.89
CA ARG A 190 -9.25 -1.15 -5.55
C ARG A 190 -8.17 -1.62 -6.53
N LYS A 191 -7.61 -0.65 -7.23
CA LYS A 191 -6.54 -0.90 -8.19
C LYS A 191 -5.35 -1.54 -7.51
N GLN A 192 -4.82 -0.88 -6.48
CA GLN A 192 -3.63 -1.39 -5.81
C GLN A 192 -3.90 -2.71 -5.07
N LEU A 193 -5.16 -2.94 -4.70
CA LEU A 193 -5.54 -4.20 -4.06
C LEU A 193 -5.54 -5.36 -5.05
N ARG A 194 -6.02 -5.11 -6.27
CA ARG A 194 -6.09 -6.16 -7.28
C ARG A 194 -4.71 -6.51 -7.82
N LEU A 195 -3.72 -5.68 -7.50
CA LEU A 195 -2.34 -5.96 -7.90
C LEU A 195 -1.69 -6.98 -6.97
N LYS A 196 -2.32 -7.20 -5.82
CA LYS A 196 -1.84 -8.19 -4.86
C LYS A 196 -2.18 -9.59 -5.34
N PRO A 197 -1.46 -10.61 -4.84
CA PRO A 197 -1.74 -11.99 -5.25
C PRO A 197 -3.10 -12.49 -4.75
N PHE A 198 -3.56 -13.61 -5.29
CA PHE A 198 -4.78 -14.25 -4.82
C PHE A 198 -4.47 -15.69 -4.42
N TYR A 199 -5.29 -16.28 -3.57
CA TYR A 199 -4.95 -17.61 -3.07
C TYR A 199 -5.95 -18.68 -3.50
N LEU A 200 -5.57 -19.93 -3.30
CA LEU A 200 -6.42 -21.06 -3.68
C LEU A 200 -6.39 -22.12 -2.59
N VAL A 201 -7.57 -22.53 -2.13
CA VAL A 201 -7.67 -23.54 -1.07
C VAL A 201 -8.28 -24.83 -1.59
N PRO A 202 -7.83 -25.98 -1.06
CA PRO A 202 -8.29 -27.29 -1.52
C PRO A 202 -9.76 -27.55 -1.17
N LYS A 203 -10.65 -26.92 -1.93
CA LYS A 203 -12.08 -27.07 -1.74
C LYS A 203 -12.70 -27.61 -3.02
N HIS A 204 -13.34 -28.77 -2.93
CA HIS A 204 -13.94 -29.40 -4.10
C HIS A 204 -15.37 -28.90 -4.33
N ALA A 205 -15.78 -28.83 -5.59
CA ALA A 205 -17.10 -28.33 -5.91
C ALA A 205 -18.09 -29.46 -6.16
N LYS A 206 -19.36 -29.19 -5.90
CA LYS A 206 -20.44 -30.15 -6.07
C LYS A 206 -20.83 -30.37 -7.54
N GLU A 207 -20.89 -31.62 -7.96
CA GLU A 207 -21.38 -31.97 -9.29
C GLU A 207 -22.54 -32.94 -9.15
N GLY A 208 -23.74 -32.39 -8.96
CA GLY A 208 -24.93 -33.19 -8.72
C GLY A 208 -24.83 -34.02 -7.45
N ASN A 209 -24.61 -35.32 -7.60
CA ASN A 209 -24.51 -36.21 -6.46
C ASN A 209 -23.06 -36.67 -6.23
N GLY A 210 -22.12 -35.95 -6.84
CA GLY A 210 -20.72 -36.26 -6.68
C GLY A 210 -19.82 -35.05 -6.44
N PHE A 211 -18.53 -35.32 -6.21
CA PHE A 211 -17.54 -34.28 -5.97
C PHE A 211 -16.33 -34.47 -6.89
N GLN A 212 -15.57 -33.41 -7.10
CA GLN A 212 -14.43 -33.45 -8.02
C GLN A 212 -13.10 -33.80 -7.35
N GLU A 213 -12.90 -33.31 -6.13
CA GLU A 213 -11.65 -33.52 -5.37
C GLU A 213 -10.38 -33.14 -6.14
N GLU A 214 -10.49 -32.41 -7.23
CA GLU A 214 -9.31 -31.99 -7.98
C GLU A 214 -9.31 -30.48 -8.18
N THR A 215 -10.38 -29.84 -7.73
CA THR A 215 -10.53 -28.40 -7.92
C THR A 215 -10.00 -27.62 -6.72
N TRP A 216 -9.77 -26.33 -6.94
CA TRP A 216 -9.35 -25.42 -5.89
C TRP A 216 -10.32 -24.25 -5.87
N ARG A 217 -10.44 -23.56 -4.74
CA ARG A 217 -11.33 -22.42 -4.67
C ARG A 217 -10.52 -21.13 -4.44
N LEU A 218 -11.04 -20.02 -4.96
CA LEU A 218 -10.43 -18.72 -4.76
C LEU A 218 -10.56 -18.25 -3.31
N SER A 219 -9.50 -17.63 -2.80
CA SER A 219 -9.51 -17.08 -1.46
C SER A 219 -8.84 -15.71 -1.47
N PHE A 220 -9.51 -14.76 -0.81
CA PHE A 220 -9.04 -13.37 -0.72
C PHE A 220 -9.05 -12.89 0.74
N SER A 221 -8.74 -13.80 1.66
CA SER A 221 -8.77 -13.50 3.10
C SER A 221 -7.89 -12.31 3.46
N HIS A 222 -6.75 -12.20 2.79
CA HIS A 222 -5.81 -11.10 3.01
C HIS A 222 -6.41 -9.76 2.60
N ILE A 223 -7.15 -9.76 1.51
CA ILE A 223 -7.84 -8.56 1.04
C ILE A 223 -8.93 -8.17 2.03
N GLU A 224 -9.64 -9.17 2.53
CA GLU A 224 -10.70 -8.94 3.50
C GLU A 224 -10.14 -8.31 4.77
N LYS A 225 -9.01 -8.84 5.24
CA LYS A 225 -8.34 -8.28 6.40
C LYS A 225 -7.93 -6.84 6.14
N GLU A 226 -7.38 -6.60 4.95
CA GLU A 226 -6.90 -5.27 4.61
C GLU A 226 -8.02 -4.23 4.60
N ILE A 227 -9.08 -4.50 3.86
CA ILE A 227 -10.18 -3.54 3.78
C ILE A 227 -10.89 -3.43 5.12
N LEU A 228 -10.84 -4.49 5.91
CA LEU A 228 -11.50 -4.48 7.21
C LEU A 228 -10.76 -3.59 8.22
N ASN A 229 -9.42 -3.66 8.21
CA ASN A 229 -8.62 -2.86 9.15
C ASN A 229 -8.46 -1.41 8.70
N ASN A 230 -8.79 -1.15 7.45
CA ASN A 230 -8.77 0.20 6.90
C ASN A 230 -10.10 0.44 6.20
N HIS A 231 -11.12 0.69 6.99
CA HIS A 231 -12.52 0.58 6.56
C HIS A 231 -13.20 1.88 6.15
N GLY A 232 -12.74 3.00 6.69
CA GLY A 232 -13.40 4.27 6.46
C GLY A 232 -13.03 4.92 5.14
N LYS A 233 -13.93 5.76 4.62
CA LYS A 233 -13.64 6.56 3.45
C LYS A 233 -12.55 7.56 3.77
N SER A 234 -12.60 8.10 4.99
CA SER A 234 -11.57 8.99 5.48
C SER A 234 -10.40 8.16 5.97
N LYS A 235 -9.19 8.58 5.64
CA LYS A 235 -8.00 7.83 5.99
C LYS A 235 -7.80 7.78 7.50
N THR A 236 -8.29 8.82 8.18
CA THR A 236 -8.15 8.93 9.64
C THR A 236 -9.37 8.38 10.38
N CYS A 237 -10.13 7.52 9.72
CA CYS A 237 -11.31 6.92 10.33
C CYS A 237 -10.92 6.10 11.55
N CYS A 238 -11.63 6.33 12.65
CA CYS A 238 -11.38 5.64 13.93
C CYS A 238 -9.99 5.91 14.51
N GLU A 239 -9.40 7.05 14.12
CA GLU A 239 -8.13 7.45 14.70
C GLU A 239 -8.31 8.63 15.66
N ASN A 240 -9.53 9.12 15.77
CA ASN A 240 -9.86 10.24 16.65
C ASN A 240 -11.33 10.23 17.08
N LYS A 241 -11.64 11.01 18.11
CA LYS A 241 -12.98 11.05 18.69
C LYS A 241 -14.04 11.54 17.72
N GLU A 242 -13.64 12.39 16.77
CA GLU A 242 -14.57 12.98 15.81
C GLU A 242 -14.94 12.02 14.68
N GLU A 243 -14.06 11.04 14.40
CA GLU A 243 -14.28 10.12 13.29
C GLU A 243 -14.35 8.67 13.75
N LYS A 244 -14.98 8.44 14.89
CA LYS A 244 -15.17 7.08 15.39
C LYS A 244 -16.42 6.46 14.77
N CYS A 245 -16.25 5.32 14.10
CA CYS A 245 -17.38 4.65 13.46
C CYS A 245 -17.72 3.35 14.20
N CYS A 246 -18.70 2.63 13.69
CA CYS A 246 -19.17 1.41 14.35
C CYS A 246 -19.21 0.20 13.42
N ARG A 247 -18.41 0.24 12.36
CA ARG A 247 -18.38 -0.84 11.38
C ARG A 247 -17.93 -2.16 12.04
N LYS A 248 -16.75 -2.14 12.62
CA LYS A 248 -16.20 -3.33 13.29
C LYS A 248 -17.15 -3.82 14.39
N ASP A 249 -17.80 -2.88 15.06
CA ASP A 249 -18.75 -3.22 16.12
C ASP A 249 -19.95 -3.95 15.54
N CYS A 250 -20.45 -3.48 14.41
CA CYS A 250 -21.55 -4.14 13.73
C CYS A 250 -21.18 -5.55 13.32
N LEU A 251 -19.99 -5.69 12.73
CA LEU A 251 -19.52 -7.01 12.29
C LEU A 251 -19.41 -7.96 13.47
N LYS A 252 -18.80 -7.48 14.56
CA LYS A 252 -18.69 -8.29 15.77
C LYS A 252 -20.06 -8.73 16.26
N LEU A 253 -21.01 -7.79 16.29
CA LEU A 253 -22.36 -8.08 16.76
C LEU A 253 -23.08 -9.13 15.89
N MET A 254 -22.95 -8.99 14.58
CA MET A 254 -23.55 -9.96 13.66
C MET A 254 -22.94 -11.35 13.84
N LYS A 255 -21.61 -11.40 13.85
CA LYS A 255 -20.90 -12.66 14.04
C LYS A 255 -21.33 -13.34 15.33
N TYR A 256 -21.41 -12.56 16.40
CA TYR A 256 -21.80 -13.07 17.71
C TYR A 256 -23.24 -13.57 17.71
N LEU A 257 -24.09 -12.87 16.97
CA LEU A 257 -25.49 -13.29 16.84
C LEU A 257 -25.57 -14.67 16.20
N LEU A 258 -24.96 -14.81 15.02
CA LEU A 258 -24.97 -16.09 14.31
C LEU A 258 -24.33 -17.20 15.14
N GLU A 259 -23.21 -16.87 15.78
CA GLU A 259 -22.49 -17.82 16.62
C GLU A 259 -23.40 -18.35 17.72
N GLN A 260 -24.07 -17.42 18.40
CA GLN A 260 -24.96 -17.76 19.51
C GLN A 260 -26.15 -18.61 19.04
N LEU A 261 -26.72 -18.25 17.89
CA LEU A 261 -27.84 -19.01 17.34
C LEU A 261 -27.43 -20.42 16.93
N LYS A 262 -26.26 -20.54 16.32
CA LYS A 262 -25.73 -21.86 15.94
C LYS A 262 -25.46 -22.70 17.18
N GLU A 263 -24.98 -22.05 18.23
CA GLU A 263 -24.68 -22.74 19.49
C GLU A 263 -25.96 -23.25 20.16
N ARG A 264 -26.96 -22.38 20.26
CA ARG A 264 -28.22 -22.76 20.90
C ARG A 264 -28.88 -23.91 20.17
N PHE A 265 -28.83 -23.90 18.85
CA PHE A 265 -29.45 -24.93 18.04
C PHE A 265 -28.41 -25.89 17.49
N LYS A 266 -27.45 -26.26 18.34
CA LYS A 266 -26.41 -27.21 17.99
C LYS A 266 -26.96 -28.62 17.78
N ASP A 267 -28.00 -28.97 18.55
CA ASP A 267 -28.61 -30.29 18.48
C ASP A 267 -29.21 -30.55 17.10
N LYS A 268 -29.81 -29.53 16.52
CA LYS A 268 -30.38 -29.63 15.18
C LYS A 268 -29.27 -29.37 14.15
N LYS A 269 -29.56 -29.70 12.89
CA LYS A 269 -28.56 -29.55 11.84
C LYS A 269 -28.91 -28.40 10.90
N HIS A 270 -29.84 -27.56 11.32
CA HIS A 270 -30.32 -26.46 10.48
C HIS A 270 -29.26 -25.39 10.22
N LEU A 271 -28.60 -24.93 11.28
CA LEU A 271 -27.70 -23.79 11.15
C LEU A 271 -26.25 -24.18 10.96
N ASP A 272 -26.01 -25.46 10.69
CA ASP A 272 -24.66 -25.96 10.53
C ASP A 272 -24.01 -25.46 9.25
N LYS A 273 -24.82 -25.22 8.23
CA LYS A 273 -24.30 -24.81 6.93
C LYS A 273 -23.98 -23.32 6.87
N PHE A 274 -24.52 -22.56 7.81
CA PHE A 274 -24.25 -21.13 7.88
C PHE A 274 -22.93 -20.87 8.59
N SER A 275 -22.18 -19.92 8.07
CA SER A 275 -20.88 -19.60 8.64
C SER A 275 -20.69 -18.10 8.77
N SER A 276 -19.62 -17.71 9.47
CA SER A 276 -19.34 -16.31 9.70
C SER A 276 -19.02 -15.59 8.39
N TYR A 277 -18.69 -16.35 7.35
CA TYR A 277 -18.34 -15.74 6.08
C TYR A 277 -19.57 -15.16 5.39
N HIS A 278 -20.72 -15.78 5.59
CA HIS A 278 -21.97 -15.26 5.06
C HIS A 278 -22.26 -13.90 5.68
N VAL A 279 -22.07 -13.85 6.99
CA VAL A 279 -22.19 -12.62 7.76
C VAL A 279 -21.23 -11.55 7.26
N LYS A 280 -19.96 -11.91 7.14
CA LYS A 280 -18.89 -11.01 6.69
C LYS A 280 -19.19 -10.42 5.30
N THR A 281 -19.65 -11.30 4.41
CA THR A 281 -20.01 -10.92 3.05
C THR A 281 -21.17 -9.93 3.03
N ALA A 282 -22.24 -10.27 3.76
CA ALA A 282 -23.38 -9.37 3.89
C ALA A 282 -22.95 -7.99 4.40
N PHE A 283 -22.04 -8.01 5.39
CA PHE A 283 -21.49 -6.80 5.97
C PHE A 283 -20.77 -5.96 4.91
N PHE A 284 -20.00 -6.63 4.07
CA PHE A 284 -19.30 -5.95 3.00
C PHE A 284 -20.28 -5.30 2.01
N HIS A 285 -21.35 -6.01 1.68
CA HIS A 285 -22.36 -5.48 0.77
C HIS A 285 -23.08 -4.27 1.37
N VAL A 286 -23.33 -4.30 2.67
CA VAL A 286 -23.92 -3.17 3.38
C VAL A 286 -22.94 -1.99 3.37
N CYS A 287 -21.65 -2.32 3.49
CA CYS A 287 -20.60 -1.30 3.42
C CYS A 287 -20.57 -0.62 2.06
N THR A 288 -20.83 -1.40 1.01
CA THR A 288 -20.97 -0.84 -0.33
C THR A 288 -22.20 0.06 -0.38
N GLN A 289 -23.31 -0.41 0.18
CA GLN A 289 -24.55 0.36 0.20
C GLN A 289 -24.45 1.64 1.03
N ASN A 290 -23.61 1.62 2.06
CA ASN A 290 -23.40 2.79 2.91
C ASN A 290 -21.92 3.17 2.95
N PRO A 291 -21.46 3.90 1.92
CA PRO A 291 -20.05 4.24 1.74
C PRO A 291 -19.55 5.39 2.60
N GLN A 292 -20.44 6.25 3.07
CA GLN A 292 -20.05 7.41 3.86
C GLN A 292 -19.82 7.02 5.32
N ASP A 293 -18.80 7.60 5.94
CA ASP A 293 -18.51 7.34 7.34
C ASP A 293 -19.64 7.89 8.22
N SER A 294 -20.32 8.90 7.70
CA SER A 294 -21.43 9.54 8.40
C SER A 294 -22.62 8.59 8.53
N GLN A 295 -22.64 7.56 7.70
CA GLN A 295 -23.69 6.55 7.76
C GLN A 295 -23.35 5.49 8.80
N TRP A 296 -22.18 5.63 9.41
CA TRP A 296 -21.72 4.67 10.40
C TRP A 296 -21.35 5.35 11.71
N ASP A 297 -22.07 6.41 12.05
CA ASP A 297 -21.81 7.14 13.29
C ASP A 297 -22.05 6.22 14.47
N ARG A 298 -21.22 6.35 15.51
CA ARG A 298 -21.30 5.45 16.65
C ARG A 298 -22.64 5.57 17.36
N LYS A 299 -23.15 6.78 17.50
CA LYS A 299 -24.42 7.00 18.19
C LYS A 299 -25.58 6.34 17.44
N ASP A 300 -25.35 6.04 16.17
CA ASP A 300 -26.37 5.40 15.34
C ASP A 300 -26.14 3.89 15.25
N LEU A 301 -25.31 3.37 16.16
CA LEU A 301 -24.98 1.94 16.19
C LEU A 301 -26.22 1.06 16.08
N GLY A 302 -27.14 1.24 17.02
CA GLY A 302 -28.38 0.47 17.05
C GLY A 302 -29.12 0.49 15.73
N LEU A 303 -29.05 1.64 15.04
CA LEU A 303 -29.63 1.76 13.71
C LEU A 303 -28.84 0.92 12.72
N CYS A 304 -27.54 1.20 12.61
CA CYS A 304 -26.67 0.57 11.63
C CYS A 304 -26.78 -0.93 11.71
N PHE A 305 -26.59 -1.47 12.91
CA PHE A 305 -26.68 -2.90 13.17
C PHE A 305 -27.98 -3.46 12.62
N ASP A 306 -29.09 -2.80 12.95
CA ASP A 306 -30.40 -3.23 12.48
C ASP A 306 -30.39 -3.38 10.97
N ASN A 307 -29.85 -2.35 10.31
CA ASN A 307 -29.72 -2.36 8.85
C ASN A 307 -29.08 -3.66 8.43
N CYS A 308 -27.90 -3.94 8.99
CA CYS A 308 -27.18 -5.16 8.69
C CYS A 308 -28.10 -6.35 8.81
N VAL A 309 -28.71 -6.47 9.99
CA VAL A 309 -29.62 -7.57 10.29
C VAL A 309 -30.62 -7.70 9.16
N THR A 310 -31.30 -6.60 8.87
CA THR A 310 -32.33 -6.59 7.85
C THR A 310 -31.79 -7.17 6.55
N TYR A 311 -30.66 -6.63 6.10
CA TYR A 311 -30.07 -7.04 4.83
C TYR A 311 -29.82 -8.54 4.84
N PHE A 312 -29.25 -9.02 5.93
CA PHE A 312 -28.91 -10.43 6.04
C PHE A 312 -30.18 -11.25 5.86
N LEU A 313 -31.25 -10.83 6.53
CA LEU A 313 -32.52 -11.51 6.47
C LEU A 313 -33.00 -11.57 5.03
N GLN A 314 -32.83 -10.45 4.32
CA GLN A 314 -33.21 -10.38 2.92
C GLN A 314 -32.48 -11.45 2.14
N CYS A 315 -31.18 -11.56 2.40
CA CYS A 315 -30.36 -12.55 1.72
C CYS A 315 -30.85 -13.96 2.02
N LEU A 316 -31.36 -14.17 3.23
CA LEU A 316 -31.92 -15.46 3.59
C LEU A 316 -33.26 -15.66 2.89
N ARG A 317 -34.01 -14.58 2.76
CA ARG A 317 -35.36 -14.63 2.20
C ARG A 317 -35.32 -14.76 0.69
N THR A 318 -34.41 -14.05 0.05
CA THR A 318 -34.32 -14.06 -1.40
C THR A 318 -33.37 -15.15 -1.89
N GLU A 319 -32.68 -15.79 -0.96
CA GLU A 319 -31.69 -16.83 -1.26
C GLU A 319 -30.64 -16.29 -2.23
N LYS A 320 -30.16 -15.08 -1.94
CA LYS A 320 -29.16 -14.42 -2.77
C LYS A 320 -28.11 -13.74 -1.91
N LEU A 321 -26.92 -14.34 -1.86
CA LEU A 321 -25.78 -13.73 -1.21
C LEU A 321 -24.55 -13.86 -2.09
N GLU A 322 -24.35 -12.88 -2.96
CA GLU A 322 -23.23 -12.90 -3.89
C GLU A 322 -21.90 -12.80 -3.16
N ASN A 323 -20.92 -13.58 -3.60
CA ASN A 323 -19.56 -13.47 -3.09
C ASN A 323 -19.03 -12.07 -3.40
N TYR A 324 -18.47 -11.41 -2.40
CA TYR A 324 -18.08 -10.01 -2.53
C TYR A 324 -16.98 -9.80 -3.57
N PHE A 325 -16.24 -10.85 -3.88
CA PHE A 325 -15.18 -10.79 -4.88
C PHE A 325 -15.60 -11.48 -6.17
N ILE A 326 -16.51 -12.43 -6.05
CA ILE A 326 -17.06 -13.14 -7.19
C ILE A 326 -18.59 -12.97 -7.21
N PRO A 327 -19.08 -11.93 -7.90
CA PRO A 327 -20.49 -11.57 -7.91
C PRO A 327 -21.41 -12.68 -8.44
N GLU A 328 -20.91 -13.50 -9.35
CA GLU A 328 -21.74 -14.53 -9.96
C GLU A 328 -21.78 -15.81 -9.12
N PHE A 329 -21.07 -15.78 -8.00
CA PHE A 329 -21.06 -16.90 -7.07
C PHE A 329 -22.00 -16.63 -5.91
N ASN A 330 -23.13 -17.32 -5.90
CA ASN A 330 -24.15 -17.13 -4.87
C ASN A 330 -23.92 -18.06 -3.68
N LEU A 331 -23.74 -17.47 -2.50
CA LEU A 331 -23.50 -18.27 -1.31
C LEU A 331 -24.79 -18.89 -0.77
N PHE A 332 -25.92 -18.26 -1.06
CA PHE A 332 -27.20 -18.71 -0.50
C PHE A 332 -28.07 -19.38 -1.53
N SER A 333 -27.47 -19.93 -2.58
CA SER A 333 -28.25 -20.63 -3.59
C SER A 333 -28.91 -21.83 -2.95
N SER A 334 -30.00 -22.29 -3.57
CA SER A 334 -30.73 -23.44 -3.07
C SER A 334 -29.89 -24.72 -3.18
N ASN A 335 -28.88 -24.69 -4.05
CA ASN A 335 -28.01 -25.84 -4.24
C ASN A 335 -27.04 -26.01 -3.07
N LEU A 336 -26.64 -24.90 -2.47
CA LEU A 336 -25.71 -24.92 -1.36
C LEU A 336 -26.44 -25.07 -0.03
N ILE A 337 -27.42 -24.19 0.21
CA ILE A 337 -28.21 -24.24 1.43
C ILE A 337 -29.68 -24.40 1.08
N ASP A 338 -30.32 -25.39 1.70
CA ASP A 338 -31.72 -25.68 1.44
C ASP A 338 -32.61 -24.60 2.01
N LYS A 339 -33.81 -24.48 1.45
CA LYS A 339 -34.75 -23.42 1.82
C LYS A 339 -35.10 -23.46 3.31
N ARG A 340 -35.41 -24.65 3.83
CA ARG A 340 -35.85 -24.81 5.21
C ARG A 340 -34.87 -24.27 6.25
N SER A 341 -33.58 -24.47 6.02
CA SER A 341 -32.55 -23.98 6.93
C SER A 341 -32.55 -22.45 6.97
N LYS A 342 -32.65 -21.83 5.80
CA LYS A 342 -32.67 -20.38 5.72
C LYS A 342 -33.96 -19.80 6.31
N GLU A 343 -35.07 -20.52 6.17
CA GLU A 343 -36.34 -20.12 6.77
C GLU A 343 -36.25 -20.21 8.29
N PHE A 344 -35.58 -21.25 8.77
CA PHE A 344 -35.35 -21.45 10.20
C PHE A 344 -34.53 -20.31 10.77
N LEU A 345 -33.39 -20.04 10.13
CA LEU A 345 -32.50 -18.97 10.57
C LEU A 345 -33.22 -17.63 10.51
N THR A 346 -34.03 -17.44 9.48
CA THR A 346 -34.83 -16.24 9.33
C THR A 346 -35.75 -16.08 10.53
N LYS A 347 -36.43 -17.18 10.88
CA LYS A 347 -37.34 -17.18 12.01
C LYS A 347 -36.63 -16.81 13.30
N GLN A 348 -35.47 -17.42 13.53
CA GLN A 348 -34.72 -17.18 14.76
C GLN A 348 -34.22 -15.75 14.86
N ILE A 349 -33.66 -15.23 13.78
CA ILE A 349 -33.13 -13.88 13.77
C ILE A 349 -34.26 -12.87 13.95
N GLU A 350 -35.39 -13.11 13.28
CA GLU A 350 -36.54 -12.22 13.42
C GLU A 350 -37.04 -12.19 14.86
N TYR A 351 -37.09 -13.37 15.47
CA TYR A 351 -37.49 -13.48 16.86
C TYR A 351 -36.55 -12.67 17.76
N GLU A 352 -35.25 -12.87 17.56
CA GLU A 352 -34.24 -12.15 18.33
C GLU A 352 -34.38 -10.64 18.20
N ARG A 353 -34.50 -10.17 16.97
CA ARG A 353 -34.57 -8.74 16.70
C ARG A 353 -35.84 -8.13 17.29
N ASN A 354 -36.92 -8.92 17.28
CA ASN A 354 -38.19 -8.43 17.79
C ASN A 354 -38.25 -8.44 19.31
N ASN A 355 -37.36 -9.19 19.95
CA ASN A 355 -37.38 -9.32 21.41
C ASN A 355 -36.11 -8.81 22.08
N GLU A 356 -35.52 -7.76 21.52
CA GLU A 356 -34.35 -7.10 22.10
C GLU A 356 -33.14 -8.05 22.27
N PHE A 357 -33.07 -9.05 21.41
CA PHE A 357 -31.95 -10.02 21.36
C PHE A 357 -31.62 -10.66 22.70
N PRO A 358 -32.46 -11.60 23.16
CA PRO A 358 -32.20 -12.34 24.40
C PRO A 358 -31.03 -13.31 24.27
N VAL A 359 -30.57 -13.54 23.05
CA VAL A 359 -29.47 -14.48 22.80
C VAL A 359 -28.14 -13.84 23.17
N PHE A 360 -28.13 -12.52 23.34
CA PHE A 360 -26.91 -11.84 23.75
C PHE A 360 -26.75 -11.98 25.27
N ASP A 361 -27.86 -12.27 25.94
CA ASP A 361 -27.86 -12.42 27.39
C ASP A 361 -27.42 -13.83 27.78
N GLU A 362 -26.12 -14.00 28.01
CA GLU A 362 -25.57 -15.29 28.39
C GLU A 362 -24.33 -15.12 29.26
N MET B 1 -6.85 37.57 -6.01
CA MET B 1 -6.67 36.92 -7.30
C MET B 1 -7.83 35.97 -7.59
N GLY B 2 -8.50 36.19 -8.71
CA GLY B 2 -9.66 35.38 -9.07
C GLY B 2 -9.32 33.93 -9.36
N ALA B 3 -10.19 33.04 -8.89
CA ALA B 3 -9.99 31.60 -9.07
C ALA B 3 -10.05 31.24 -10.55
N SER B 4 -10.94 31.88 -11.28
CA SER B 4 -11.09 31.65 -12.71
C SER B 4 -9.88 32.18 -13.47
N LYS B 5 -9.21 33.20 -12.92
CA LYS B 5 -8.02 33.75 -13.53
C LYS B 5 -6.87 32.77 -13.42
N LEU B 6 -6.66 32.26 -12.20
CA LEU B 6 -5.62 31.28 -11.95
C LEU B 6 -5.88 30.01 -12.74
N ARG B 7 -7.14 29.57 -12.75
CA ARG B 7 -7.51 28.38 -13.49
C ARG B 7 -7.42 28.63 -15.00
N ALA B 8 -7.44 29.89 -15.39
CA ALA B 8 -7.23 30.27 -16.78
C ALA B 8 -5.75 30.16 -17.12
N VAL B 9 -4.90 30.48 -16.15
CA VAL B 9 -3.46 30.33 -16.30
C VAL B 9 -3.09 28.86 -16.45
N LEU B 10 -3.55 28.05 -15.50
CA LEU B 10 -3.33 26.61 -15.52
C LEU B 10 -3.95 25.99 -16.77
N GLU B 11 -5.06 26.56 -17.21
CA GLU B 11 -5.74 26.13 -18.42
C GLU B 11 -4.85 26.37 -19.63
N LYS B 12 -4.20 27.52 -19.67
CA LYS B 12 -3.33 27.85 -20.80
C LYS B 12 -1.93 27.24 -20.65
N LEU B 13 -1.67 26.59 -19.52
CA LEU B 13 -0.38 25.93 -19.31
C LEU B 13 -0.39 24.47 -19.72
N LYS B 14 -1.59 23.89 -19.86
CA LYS B 14 -1.72 22.49 -20.23
C LYS B 14 -1.24 22.23 -21.65
N LEU B 15 -0.40 21.21 -21.82
CA LEU B 15 0.13 20.86 -23.13
C LEU B 15 -0.64 19.72 -23.78
N SER B 16 -0.61 19.68 -25.11
CA SER B 16 -1.29 18.63 -25.87
C SER B 16 -0.66 17.27 -25.62
N ARG B 17 -1.42 16.20 -25.88
CA ARG B 17 -0.94 14.85 -25.68
C ARG B 17 0.19 14.49 -26.64
N ASP B 18 0.18 15.13 -27.81
CA ASP B 18 1.18 14.83 -28.84
C ASP B 18 2.56 15.33 -28.44
N ASP B 19 2.62 16.56 -27.94
CA ASP B 19 3.88 17.17 -27.53
C ASP B 19 4.51 16.42 -26.36
N ILE B 20 3.66 15.84 -25.52
CA ILE B 20 4.13 15.05 -24.39
C ILE B 20 4.60 13.68 -24.87
N SER B 21 3.83 13.10 -25.80
CA SER B 21 4.12 11.75 -26.29
C SER B 21 5.40 11.67 -27.11
N THR B 22 5.68 12.72 -27.88
CA THR B 22 6.88 12.76 -28.71
C THR B 22 8.14 12.80 -27.84
N ALA B 23 8.21 13.81 -26.99
CA ALA B 23 9.35 13.99 -26.09
C ALA B 23 9.50 12.78 -25.17
N ALA B 24 8.37 12.31 -24.64
CA ALA B 24 8.36 11.11 -23.79
C ALA B 24 8.90 9.90 -24.56
N GLY B 25 8.65 9.88 -25.86
CA GLY B 25 9.14 8.80 -26.72
C GLY B 25 10.64 8.85 -26.91
N MET B 26 11.16 10.01 -27.27
CA MET B 26 12.61 10.17 -27.45
C MET B 26 13.36 9.90 -26.15
N VAL B 27 12.94 10.56 -25.08
CA VAL B 27 13.56 10.40 -23.77
C VAL B 27 13.46 8.95 -23.32
N LYS B 28 12.31 8.33 -23.57
CA LYS B 28 12.11 6.93 -23.21
C LYS B 28 13.11 6.03 -23.93
N GLY B 29 13.27 6.27 -25.22
CA GLY B 29 14.23 5.51 -26.02
C GLY B 29 15.66 5.66 -25.53
N VAL B 30 16.10 6.90 -25.37
CA VAL B 30 17.46 7.19 -24.92
C VAL B 30 17.72 6.58 -23.54
N VAL B 31 16.75 6.71 -22.64
CA VAL B 31 16.85 6.16 -21.29
C VAL B 31 16.97 4.64 -21.33
N ASP B 32 16.13 3.99 -22.13
CA ASP B 32 16.17 2.53 -22.27
C ASP B 32 17.54 2.08 -22.78
N HIS B 33 18.06 2.79 -23.78
CA HIS B 33 19.38 2.47 -24.33
C HIS B 33 20.44 2.59 -23.24
N LEU B 34 20.45 3.72 -22.55
CA LEU B 34 21.42 3.98 -21.49
C LEU B 34 21.36 2.95 -20.37
N LEU B 35 20.16 2.46 -20.08
CA LEU B 35 19.97 1.46 -19.03
C LEU B 35 20.52 0.12 -19.47
N LEU B 36 20.10 -0.31 -20.67
CA LEU B 36 20.54 -1.57 -21.24
C LEU B 36 22.06 -1.64 -21.36
N ARG B 37 22.68 -0.51 -21.69
CA ARG B 37 24.13 -0.44 -21.80
C ARG B 37 24.79 -0.35 -20.42
N LEU B 38 24.14 0.35 -19.49
CA LEU B 38 24.66 0.50 -18.14
C LEU B 38 24.70 -0.84 -17.42
N LYS B 39 23.84 -1.76 -17.82
CA LYS B 39 23.81 -3.09 -17.20
C LYS B 39 24.96 -3.98 -17.69
N CYS B 40 25.87 -3.42 -18.49
CA CYS B 40 27.05 -4.15 -18.96
C CYS B 40 28.19 -4.10 -17.95
N ASP B 41 28.03 -3.30 -16.89
CA ASP B 41 29.03 -3.22 -15.84
C ASP B 41 28.59 -3.99 -14.60
N SER B 42 29.54 -4.60 -13.91
CA SER B 42 29.25 -5.40 -12.72
C SER B 42 28.73 -4.53 -11.59
N ALA B 43 29.19 -3.28 -11.54
CA ALA B 43 28.78 -2.33 -10.50
C ALA B 43 27.35 -1.86 -10.71
N PHE B 44 27.02 -1.50 -11.95
CA PHE B 44 25.69 -1.00 -12.28
C PHE B 44 24.86 -2.11 -12.90
N ARG B 45 25.11 -3.35 -12.49
CA ARG B 45 24.37 -4.49 -13.00
C ARG B 45 22.97 -4.54 -12.41
N GLY B 46 22.85 -4.10 -11.15
CA GLY B 46 21.57 -4.09 -10.47
C GLY B 46 20.86 -2.75 -10.55
N VAL B 47 21.12 -2.00 -11.60
CA VAL B 47 20.51 -0.70 -11.80
C VAL B 47 19.03 -0.88 -12.17
N GLY B 48 18.24 0.15 -11.92
CA GLY B 48 16.82 0.11 -12.25
C GLY B 48 16.20 1.49 -12.30
N LEU B 49 15.18 1.66 -13.14
CA LEU B 49 14.52 2.95 -13.28
C LEU B 49 13.56 3.20 -12.12
N LEU B 50 13.74 4.33 -11.44
CA LEU B 50 12.86 4.71 -10.34
C LEU B 50 11.78 5.68 -10.82
N ASN B 51 10.52 5.34 -10.55
CA ASN B 51 9.40 6.12 -11.03
C ASN B 51 9.22 7.38 -10.20
N THR B 52 9.80 8.48 -10.67
CA THR B 52 9.63 9.78 -10.03
C THR B 52 8.58 10.61 -10.77
N GLY B 53 7.92 9.98 -11.73
CA GLY B 53 6.87 10.64 -12.49
C GLY B 53 7.34 11.24 -13.80
N ALA B 63 9.74 25.26 -18.32
CA ALA B 63 9.45 24.66 -19.62
C ALA B 63 9.31 23.15 -19.51
N PRO B 64 8.32 22.58 -20.21
CA PRO B 64 8.08 21.13 -20.18
C PRO B 64 8.97 20.34 -21.13
N ASN B 65 10.16 20.86 -21.43
CA ASN B 65 11.12 20.14 -22.26
C ASN B 65 12.19 19.49 -21.37
N GLU B 66 12.14 19.82 -20.09
CA GLU B 66 13.09 19.29 -19.12
C GLU B 66 12.51 18.08 -18.40
N PHE B 67 13.25 16.98 -18.41
CA PHE B 67 12.81 15.75 -17.75
C PHE B 67 13.72 15.40 -16.59
N ASP B 68 13.24 14.57 -15.68
CA ASP B 68 14.01 14.17 -14.52
C ASP B 68 13.83 12.68 -14.23
N VAL B 69 14.85 11.89 -14.59
CA VAL B 69 14.83 10.46 -14.34
C VAL B 69 15.80 10.11 -13.22
N MET B 70 15.48 9.06 -12.48
CA MET B 70 16.29 8.66 -11.34
C MET B 70 16.70 7.20 -11.47
N PHE B 71 18.00 6.95 -11.48
CA PHE B 71 18.51 5.58 -11.60
C PHE B 71 18.83 5.01 -10.22
N LYS B 72 17.95 4.16 -9.72
CA LYS B 72 18.16 3.52 -8.43
C LYS B 72 19.11 2.35 -8.55
N LEU B 73 19.94 2.17 -7.53
CA LEU B 73 20.89 1.07 -7.46
C LEU B 73 20.75 0.35 -6.13
N GLU B 74 20.46 -0.94 -6.18
CA GLU B 74 20.21 -1.70 -4.96
C GLU B 74 21.49 -1.98 -4.18
N VAL B 75 21.53 -1.54 -2.93
CA VAL B 75 22.66 -1.80 -2.05
C VAL B 75 22.15 -2.49 -0.79
N PRO B 76 22.82 -3.58 -0.38
CA PRO B 76 22.36 -4.44 0.71
C PRO B 76 22.94 -4.15 2.08
N ARG B 77 22.08 -3.87 3.05
CA ARG B 77 22.46 -3.70 4.45
C ARG B 77 23.61 -2.73 4.64
N ILE B 78 23.41 -1.49 4.21
CA ILE B 78 24.44 -0.48 4.36
C ILE B 78 24.38 0.14 5.76
N GLN B 79 25.53 0.60 6.23
CA GLN B 79 25.61 1.32 7.50
C GLN B 79 26.00 2.76 7.25
N LEU B 80 25.14 3.69 7.67
CA LEU B 80 25.37 5.11 7.44
C LEU B 80 26.07 5.76 8.62
N GLU B 81 26.77 6.86 8.36
CA GLU B 81 27.36 7.65 9.43
C GLU B 81 27.08 9.13 9.23
N GLU B 82 26.24 9.71 10.09
CA GLU B 82 25.85 11.10 9.96
C GLU B 82 27.05 12.04 9.97
N TYR B 83 27.14 12.87 8.95
CA TYR B 83 28.29 13.74 8.78
C TYR B 83 28.10 15.10 9.46
N SER B 84 28.93 15.35 10.47
CA SER B 84 28.97 16.64 11.16
C SER B 84 27.60 17.11 11.67
N ASN B 85 26.73 16.14 11.96
CA ASN B 85 25.38 16.42 12.46
C ASN B 85 24.59 17.33 11.52
N THR B 86 24.77 17.15 10.23
CA THR B 86 24.04 17.90 9.22
C THR B 86 22.63 17.36 9.02
N ARG B 87 22.38 16.18 9.59
CA ARG B 87 21.06 15.54 9.63
C ARG B 87 20.55 15.08 8.25
N ALA B 88 21.24 15.48 7.20
CA ALA B 88 20.78 15.16 5.84
C ALA B 88 21.88 14.53 5.01
N TYR B 89 23.14 14.73 5.45
CA TYR B 89 24.28 14.21 4.73
C TYR B 89 24.97 13.09 5.52
N TYR B 90 25.28 11.99 4.84
CA TYR B 90 25.81 10.80 5.48
C TYR B 90 26.99 10.17 4.74
N PHE B 91 27.79 9.40 5.46
CA PHE B 91 28.83 8.58 4.85
C PHE B 91 28.31 7.16 4.68
N VAL B 92 28.62 6.55 3.54
CA VAL B 92 28.11 5.21 3.25
C VAL B 92 29.17 4.15 3.56
N LYS B 93 28.77 3.18 4.37
CA LYS B 93 29.63 2.06 4.72
C LYS B 93 28.86 0.76 4.47
N PHE B 94 29.57 -0.35 4.41
CA PHE B 94 28.89 -1.64 4.29
C PHE B 94 29.13 -2.48 5.56
N LYS B 95 28.05 -3.06 6.08
CA LYS B 95 28.09 -3.81 7.33
C LYS B 95 29.00 -5.02 7.27
N ARG B 96 28.90 -5.78 6.17
CA ARG B 96 29.71 -6.98 6.00
C ARG B 96 30.34 -7.04 4.61
N ASN B 97 31.64 -7.32 4.57
CA ASN B 97 32.33 -7.50 3.30
C ASN B 97 32.97 -8.89 3.07
N PRO B 98 32.40 -9.98 3.63
CA PRO B 98 32.99 -11.24 3.16
C PRO B 98 32.65 -11.51 1.70
N LYS B 99 31.40 -11.23 1.32
CA LYS B 99 31.00 -11.32 -0.08
C LYS B 99 31.66 -10.20 -0.87
N GLU B 100 32.11 -10.52 -2.09
CA GLU B 100 32.77 -9.54 -2.93
C GLU B 100 31.80 -8.42 -3.26
N ASN B 101 32.27 -7.19 -3.20
CA ASN B 101 31.40 -6.05 -3.43
C ASN B 101 31.66 -5.43 -4.79
N PRO B 102 30.60 -5.29 -5.60
CA PRO B 102 30.68 -4.66 -6.93
C PRO B 102 31.13 -3.21 -6.84
N LEU B 103 30.75 -2.53 -5.76
CA LEU B 103 31.10 -1.13 -5.57
C LEU B 103 32.39 -0.96 -4.76
N SER B 104 33.03 -2.08 -4.42
CA SER B 104 34.27 -2.06 -3.64
C SER B 104 35.38 -1.32 -4.39
N GLN B 105 35.27 -1.31 -5.71
CA GLN B 105 36.22 -0.57 -6.55
C GLN B 105 36.18 0.92 -6.25
N PHE B 106 35.01 1.39 -5.82
CA PHE B 106 34.83 2.81 -5.50
C PHE B 106 35.10 3.09 -4.02
N LEU B 107 35.33 2.03 -3.24
CA LEU B 107 35.60 2.21 -1.82
C LEU B 107 36.95 2.90 -1.58
N GLU B 108 36.91 4.01 -0.87
CA GLU B 108 38.14 4.70 -0.46
C GLU B 108 38.31 4.49 1.04
N GLY B 109 38.56 3.24 1.43
CA GLY B 109 38.63 2.87 2.83
C GLY B 109 37.40 2.09 3.26
N GLU B 110 36.72 2.55 4.30
CA GLU B 110 35.47 1.94 4.72
C GLU B 110 34.31 2.76 4.17
N ILE B 111 34.63 3.96 3.70
CA ILE B 111 33.63 4.89 3.18
C ILE B 111 33.55 4.82 1.66
N LEU B 112 32.33 4.61 1.14
CA LEU B 112 32.11 4.55 -0.29
C LEU B 112 32.22 5.94 -0.93
N SER B 113 33.13 6.07 -1.90
CA SER B 113 33.37 7.35 -2.56
C SER B 113 32.27 7.69 -3.54
N ALA B 114 31.61 8.83 -3.31
CA ALA B 114 30.54 9.30 -4.18
C ALA B 114 31.11 9.89 -5.46
N SER B 115 32.22 10.62 -5.32
CA SER B 115 32.86 11.28 -6.45
C SER B 115 33.36 10.28 -7.49
N LYS B 116 33.87 9.14 -7.03
CA LYS B 116 34.36 8.10 -7.93
C LYS B 116 33.22 7.41 -8.67
N MET B 117 32.14 7.11 -7.95
CA MET B 117 30.96 6.51 -8.56
C MET B 117 30.38 7.46 -9.61
N LEU B 118 30.32 8.74 -9.27
CA LEU B 118 29.80 9.76 -10.18
C LEU B 118 30.73 9.91 -11.38
N SER B 119 32.03 9.74 -11.15
CA SER B 119 33.01 9.83 -12.22
C SER B 119 32.84 8.68 -13.22
N LYS B 120 32.72 7.46 -12.70
CA LYS B 120 32.53 6.29 -13.55
C LYS B 120 31.20 6.37 -14.29
N PHE B 121 30.13 6.68 -13.55
CA PHE B 121 28.79 6.81 -14.10
C PHE B 121 28.72 7.84 -15.23
N ARG B 122 29.14 9.06 -14.90
CA ARG B 122 29.16 10.17 -15.84
C ARG B 122 30.08 9.90 -17.03
N LYS B 123 31.14 9.13 -16.79
CA LYS B 123 32.09 8.78 -17.84
C LYS B 123 31.48 7.78 -18.81
N ILE B 124 30.76 6.80 -18.27
CA ILE B 124 30.03 5.84 -19.08
C ILE B 124 29.02 6.59 -19.93
N ILE B 125 28.29 7.50 -19.31
CA ILE B 125 27.28 8.29 -20.01
C ILE B 125 27.93 9.11 -21.14
N LYS B 126 29.06 9.74 -20.85
CA LYS B 126 29.78 10.54 -21.83
C LYS B 126 30.22 9.67 -23.00
N GLU B 127 30.60 8.43 -22.70
CA GLU B 127 31.01 7.47 -23.70
C GLU B 127 29.85 7.05 -24.60
N GLU B 128 28.68 6.84 -23.99
CA GLU B 128 27.56 6.23 -24.68
C GLU B 128 26.74 7.17 -25.56
N ILE B 129 26.86 8.49 -25.36
CA ILE B 129 26.08 9.42 -26.17
C ILE B 129 26.65 9.43 -27.59
N ASN B 130 27.87 8.91 -27.75
CA ASN B 130 28.47 8.73 -29.06
C ASN B 130 27.79 7.54 -29.73
N ASP B 131 28.07 7.34 -31.02
CA ASP B 131 27.57 6.17 -31.74
C ASP B 131 26.04 6.10 -31.66
N ILE B 132 25.43 7.26 -31.48
CA ILE B 132 23.99 7.39 -31.32
C ILE B 132 23.25 7.08 -32.62
N LYS B 133 22.03 6.60 -32.50
CA LYS B 133 21.21 6.23 -33.65
C LYS B 133 20.46 7.43 -34.25
N ASP B 134 21.15 8.19 -35.09
CA ASP B 134 20.55 9.27 -35.88
C ASP B 134 19.99 10.45 -35.08
N THR B 135 19.97 10.33 -33.75
CA THR B 135 19.45 11.40 -32.90
C THR B 135 20.61 12.20 -32.32
N ASP B 136 20.44 13.51 -32.18
CA ASP B 136 21.51 14.36 -31.65
C ASP B 136 21.44 14.50 -30.13
N VAL B 137 22.40 13.91 -29.44
CA VAL B 137 22.46 13.98 -27.98
C VAL B 137 23.86 14.38 -27.54
N ILE B 138 23.95 15.33 -26.61
CA ILE B 138 25.24 15.79 -26.10
C ILE B 138 25.18 15.89 -24.58
N MET B 139 26.33 15.83 -23.91
CA MET B 139 26.35 15.99 -22.47
C MET B 139 26.77 17.41 -22.07
N LYS B 140 25.99 18.03 -21.18
CA LYS B 140 26.29 19.38 -20.71
C LYS B 140 27.50 19.40 -19.78
N ARG B 141 28.02 20.58 -19.51
CA ARG B 141 29.15 20.73 -18.59
C ARG B 141 28.77 20.33 -17.18
N LYS B 142 29.75 19.87 -16.41
CA LYS B 142 29.50 19.45 -15.03
C LYS B 142 29.09 20.64 -14.17
N ARG B 143 27.88 20.57 -13.63
CA ARG B 143 27.34 21.65 -12.83
C ARG B 143 27.94 21.66 -11.42
N GLY B 144 27.91 22.82 -10.78
CA GLY B 144 28.48 22.99 -9.45
C GLY B 144 27.59 22.48 -8.34
N GLY B 145 28.03 21.41 -7.69
CA GLY B 145 27.30 20.83 -6.57
C GLY B 145 26.05 20.08 -6.96
N SER B 146 25.90 19.79 -8.25
CA SER B 146 24.75 19.05 -8.73
C SER B 146 25.09 17.59 -8.97
N PRO B 147 24.26 16.69 -8.44
CA PRO B 147 24.46 15.23 -8.60
C PRO B 147 23.96 14.71 -9.93
N ALA B 148 23.26 15.56 -10.69
CA ALA B 148 22.65 15.15 -11.94
C ALA B 148 23.60 15.25 -13.12
N VAL B 149 23.45 14.31 -14.05
CA VAL B 149 24.17 14.36 -15.32
C VAL B 149 23.14 14.63 -16.42
N THR B 150 23.18 15.83 -16.98
CA THR B 150 22.16 16.27 -17.92
C THR B 150 22.59 16.06 -19.37
N LEU B 151 21.65 15.61 -20.19
CA LEU B 151 21.87 15.37 -21.61
C LEU B 151 20.88 16.17 -22.45
N LEU B 152 21.32 16.57 -23.64
CA LEU B 152 20.47 17.31 -24.56
C LEU B 152 20.18 16.47 -25.80
N ILE B 153 18.89 16.30 -26.08
CA ILE B 153 18.42 15.49 -27.19
C ILE B 153 17.75 16.39 -28.22
N SER B 154 18.22 16.29 -29.46
CA SER B 154 17.70 17.07 -30.58
C SER B 154 17.79 18.57 -30.33
N GLU B 155 18.70 18.95 -29.43
CA GLU B 155 18.94 20.35 -29.08
C GLU B 155 17.69 21.06 -28.56
N LYS B 156 16.72 20.28 -28.09
CA LYS B 156 15.47 20.84 -27.61
C LYS B 156 15.03 20.19 -26.30
N ILE B 157 15.55 19.01 -26.01
CA ILE B 157 15.12 18.27 -24.81
C ILE B 157 16.25 18.13 -23.80
N SER B 158 15.96 18.44 -22.53
CA SER B 158 16.95 18.29 -21.47
C SER B 158 16.55 17.18 -20.51
N VAL B 159 17.49 16.28 -20.23
CA VAL B 159 17.22 15.15 -19.35
C VAL B 159 18.27 15.07 -18.24
N ASP B 160 17.82 15.20 -17.00
CA ASP B 160 18.73 15.10 -15.86
C ASP B 160 18.73 13.68 -15.31
N ILE B 161 19.91 13.07 -15.28
CA ILE B 161 20.02 11.69 -14.82
C ILE B 161 20.76 11.62 -13.49
N THR B 162 20.05 11.24 -12.43
CA THR B 162 20.63 11.19 -11.11
C THR B 162 20.68 9.76 -10.58
N LEU B 163 21.88 9.31 -10.24
CA LEU B 163 22.07 8.00 -9.64
C LEU B 163 21.64 8.03 -8.17
N ALA B 164 21.04 6.93 -7.71
CA ALA B 164 20.53 6.88 -6.34
C ALA B 164 20.76 5.51 -5.71
N LEU B 165 21.31 5.53 -4.50
CA LEU B 165 21.45 4.30 -3.72
C LEU B 165 20.17 4.01 -2.96
N GLU B 166 19.66 2.79 -3.11
CA GLU B 166 18.41 2.40 -2.46
C GLU B 166 18.67 1.60 -1.19
N SER B 167 18.17 2.11 -0.06
CA SER B 167 18.32 1.41 1.21
C SER B 167 16.97 0.96 1.75
N LYS B 168 16.81 -0.35 1.87
CA LYS B 168 15.59 -0.96 2.37
C LYS B 168 15.58 -1.02 3.90
N SER B 169 16.58 -0.42 4.53
CA SER B 169 16.63 -0.35 5.98
C SER B 169 15.65 0.69 6.50
N SER B 170 15.50 0.75 7.83
CA SER B 170 14.64 1.74 8.45
C SER B 170 15.22 3.13 8.23
N TRP B 171 14.35 4.12 8.09
CA TRP B 171 14.77 5.49 7.85
C TRP B 171 15.62 6.02 9.00
N PRO B 172 16.60 6.89 8.69
CA PRO B 172 17.46 7.49 9.70
C PRO B 172 16.69 8.17 10.83
N ALA B 173 17.33 8.33 11.98
CA ALA B 173 16.71 8.91 13.15
C ALA B 173 16.43 10.41 12.94
N SER B 174 17.07 10.99 11.93
CA SER B 174 16.87 12.39 11.62
C SER B 174 15.50 12.63 11.00
N THR B 175 14.89 11.54 10.51
CA THR B 175 13.57 11.63 9.87
C THR B 175 12.47 11.23 10.82
N GLN B 176 12.85 10.93 12.07
CA GLN B 176 11.91 10.44 13.07
C GLN B 176 10.74 11.41 13.30
N GLU B 177 11.08 12.68 13.49
CA GLU B 177 10.06 13.69 13.76
C GLU B 177 9.50 14.29 12.48
N GLY B 178 9.97 13.78 11.34
CA GLY B 178 9.54 14.26 10.04
C GLY B 178 8.28 13.61 9.52
N LEU B 179 7.83 14.08 8.35
CA LEU B 179 6.64 13.55 7.70
C LEU B 179 5.42 13.64 8.62
N ARG B 180 5.13 14.83 9.11
CA ARG B 180 4.00 15.04 10.00
C ARG B 180 2.69 15.01 9.22
N ILE B 181 2.30 13.81 8.81
CA ILE B 181 1.09 13.65 8.00
C ILE B 181 0.01 12.89 8.77
N GLN B 182 0.18 12.79 10.08
CA GLN B 182 -0.78 12.05 10.91
C GLN B 182 -2.17 12.63 10.85
N ASN B 183 -2.29 13.93 11.07
CA ASN B 183 -3.59 14.59 11.10
C ASN B 183 -4.13 14.82 9.69
N TRP B 184 -3.30 14.54 8.69
CA TRP B 184 -3.64 14.78 7.29
C TRP B 184 -3.95 13.48 6.56
N LEU B 185 -2.96 12.60 6.45
CA LEU B 185 -3.09 11.35 5.70
C LEU B 185 -3.19 10.11 6.59
N SER B 186 -3.35 10.33 7.90
CA SER B 186 -3.45 9.28 8.93
C SER B 186 -2.09 8.67 9.27
N ALA B 187 -1.98 8.19 10.51
CA ALA B 187 -0.73 7.63 11.01
C ALA B 187 -0.41 6.27 10.40
N LYS B 188 -1.44 5.55 9.97
CA LYS B 188 -1.24 4.25 9.33
C LYS B 188 -0.54 4.44 7.97
N VAL B 189 -0.97 5.45 7.23
CA VAL B 189 -0.37 5.73 5.93
C VAL B 189 1.08 6.17 6.14
N ARG B 190 1.32 6.94 7.19
CA ARG B 190 2.69 7.33 7.53
C ARG B 190 3.53 6.10 7.86
N LYS B 191 2.92 5.16 8.56
CA LYS B 191 3.59 3.90 8.90
C LYS B 191 4.01 3.16 7.65
N GLN B 192 3.05 2.87 6.77
CA GLN B 192 3.34 2.09 5.57
C GLN B 192 4.26 2.84 4.61
N LEU B 193 4.27 4.17 4.69
CA LEU B 193 5.18 4.97 3.89
C LEU B 193 6.60 4.84 4.41
N ARG B 194 6.75 4.85 5.74
CA ARG B 194 8.07 4.74 6.36
C ARG B 194 8.64 3.33 6.26
N LEU B 195 7.78 2.37 5.88
CA LEU B 195 8.22 1.00 5.68
C LEU B 195 8.88 0.86 4.31
N LYS B 196 8.68 1.87 3.46
CA LYS B 196 9.30 1.90 2.14
C LYS B 196 10.77 2.27 2.26
N PRO B 197 11.59 1.92 1.25
CA PRO B 197 13.01 2.25 1.29
C PRO B 197 13.28 3.74 1.17
N PHE B 198 14.50 4.16 1.46
CA PHE B 198 14.89 5.56 1.28
C PHE B 198 16.10 5.64 0.36
N TYR B 199 16.32 6.78 -0.27
CA TYR B 199 17.38 6.83 -1.27
C TYR B 199 18.50 7.79 -0.89
N LEU B 200 19.62 7.69 -1.59
CA LEU B 200 20.79 8.52 -1.33
C LEU B 200 21.41 9.02 -2.63
N VAL B 201 21.60 10.33 -2.74
CA VAL B 201 22.17 10.93 -3.95
C VAL B 201 23.53 11.55 -3.66
N PRO B 202 24.45 11.49 -4.64
CA PRO B 202 25.80 12.02 -4.48
C PRO B 202 25.83 13.55 -4.38
N LYS B 203 25.50 14.07 -3.20
CA LYS B 203 25.50 15.51 -2.95
C LYS B 203 26.44 15.85 -1.80
N HIS B 204 27.45 16.68 -2.08
CA HIS B 204 28.43 17.03 -1.06
C HIS B 204 27.99 18.22 -0.22
N ALA B 205 28.39 18.20 1.05
CA ALA B 205 28.06 19.25 2.01
C ALA B 205 29.22 20.22 2.20
N LYS B 206 28.92 21.46 2.61
CA LYS B 206 29.96 22.46 2.80
C LYS B 206 30.77 22.17 4.07
N GLU B 207 32.09 22.14 3.92
CA GLU B 207 32.99 21.92 5.06
C GLU B 207 34.01 23.05 5.21
N GLY B 208 33.61 24.14 5.85
CA GLY B 208 34.49 25.27 6.04
C GLY B 208 35.02 25.87 4.75
N ASN B 209 34.11 26.45 3.96
CA ASN B 209 34.45 27.04 2.66
C ASN B 209 35.00 25.98 1.69
N GLY B 210 34.76 24.72 2.01
CA GLY B 210 35.16 23.59 1.19
C GLY B 210 34.03 22.60 1.12
N PHE B 211 34.17 21.54 0.34
CA PHE B 211 33.10 20.54 0.23
C PHE B 211 33.59 19.12 0.51
N GLN B 212 32.67 18.27 0.96
CA GLN B 212 32.98 16.89 1.30
C GLN B 212 32.61 15.97 0.15
N GLU B 213 33.57 15.71 -0.73
CA GLU B 213 33.33 14.90 -1.93
C GLU B 213 33.07 13.42 -1.66
N GLU B 214 32.76 13.08 -0.40
CA GLU B 214 32.52 11.69 -0.04
C GLU B 214 31.14 11.46 0.60
N THR B 215 30.38 12.54 0.78
CA THR B 215 29.08 12.43 1.45
C THR B 215 27.93 12.19 0.50
N TRP B 216 26.83 11.71 1.05
CA TRP B 216 25.60 11.48 0.30
C TRP B 216 24.43 12.18 1.00
N ARG B 217 23.39 12.51 0.24
CA ARG B 217 22.22 13.18 0.79
C ARG B 217 20.98 12.29 0.73
N LEU B 218 20.10 12.45 1.72
CA LEU B 218 18.84 11.69 1.75
C LEU B 218 17.90 12.16 0.65
N SER B 219 17.20 11.22 0.04
CA SER B 219 16.20 11.54 -0.97
C SER B 219 14.96 10.69 -0.77
N PHE B 220 13.80 11.36 -0.83
CA PHE B 220 12.51 10.71 -0.65
C PHE B 220 11.55 11.07 -1.77
N SER B 221 12.08 11.21 -2.98
CA SER B 221 11.30 11.64 -4.14
C SER B 221 10.10 10.73 -4.40
N HIS B 222 10.29 9.44 -4.16
CA HIS B 222 9.23 8.45 -4.34
C HIS B 222 8.07 8.73 -3.38
N ILE B 223 8.41 9.08 -2.13
CA ILE B 223 7.41 9.40 -1.12
C ILE B 223 6.66 10.66 -1.51
N GLU B 224 7.40 11.64 -2.03
CA GLU B 224 6.80 12.89 -2.48
C GLU B 224 5.79 12.65 -3.60
N LYS B 225 6.18 11.80 -4.56
CA LYS B 225 5.28 11.44 -5.66
C LYS B 225 4.03 10.76 -5.12
N GLU B 226 4.23 9.84 -4.18
CA GLU B 226 3.14 9.06 -3.62
C GLU B 226 2.12 9.97 -2.93
N ILE B 227 2.64 10.83 -2.05
CA ILE B 227 1.81 11.75 -1.27
C ILE B 227 1.12 12.75 -2.19
N LEU B 228 1.79 13.10 -3.28
CA LEU B 228 1.26 14.07 -4.22
C LEU B 228 0.10 13.49 -5.03
N ASN B 229 0.23 12.24 -5.45
CA ASN B 229 -0.80 11.62 -6.27
C ASN B 229 -1.97 11.11 -5.44
N ASN B 230 -1.75 11.00 -4.13
CA ASN B 230 -2.80 10.60 -3.21
C ASN B 230 -2.82 11.59 -2.06
N HIS B 231 -3.39 12.77 -2.33
CA HIS B 231 -3.19 13.94 -1.50
C HIS B 231 -4.28 14.20 -0.48
N GLY B 232 -5.50 13.77 -0.78
CA GLY B 232 -6.63 14.09 0.07
C GLY B 232 -6.75 13.22 1.30
N LYS B 233 -7.38 13.76 2.35
CA LYS B 233 -7.70 12.99 3.54
C LYS B 233 -8.75 11.93 3.21
N SER B 234 -9.70 12.29 2.35
CA SER B 234 -10.68 11.33 1.86
C SER B 234 -10.08 10.52 0.73
N LYS B 235 -10.31 9.21 0.74
CA LYS B 235 -9.72 8.32 -0.24
C LYS B 235 -10.22 8.58 -1.65
N THR B 236 -11.44 9.09 -1.75
CA THR B 236 -12.06 9.35 -3.06
C THR B 236 -11.84 10.79 -3.52
N CYS B 237 -10.82 11.44 -2.96
CA CYS B 237 -10.49 12.83 -3.31
C CYS B 237 -10.10 12.93 -4.79
N CYS B 238 -10.71 13.88 -5.48
CA CYS B 238 -10.47 14.13 -6.91
C CYS B 238 -10.84 12.94 -7.80
N GLU B 239 -11.74 12.09 -7.33
CA GLU B 239 -12.25 11.00 -8.16
C GLU B 239 -13.70 11.26 -8.60
N ASN B 240 -14.26 12.36 -8.12
CA ASN B 240 -15.63 12.74 -8.46
C ASN B 240 -15.85 14.25 -8.35
N LYS B 241 -16.95 14.73 -8.93
CA LYS B 241 -17.25 16.16 -8.99
C LYS B 241 -17.42 16.80 -7.62
N GLU B 242 -17.84 15.99 -6.64
CA GLU B 242 -18.10 16.50 -5.30
C GLU B 242 -16.82 16.68 -4.48
N GLU B 243 -15.77 15.95 -4.82
CA GLU B 243 -14.53 15.98 -4.05
C GLU B 243 -13.30 16.43 -4.85
N LYS B 244 -13.48 17.41 -5.72
CA LYS B 244 -12.34 17.96 -6.47
C LYS B 244 -11.66 19.04 -5.62
N CYS B 245 -10.36 18.88 -5.40
CA CYS B 245 -9.61 19.85 -4.61
C CYS B 245 -8.68 20.65 -5.50
N CYS B 246 -7.88 21.54 -4.90
CA CYS B 246 -7.00 22.41 -5.68
C CYS B 246 -5.56 22.36 -5.20
N ARG B 247 -5.17 21.28 -4.54
CA ARG B 247 -3.81 21.13 -4.04
C ARG B 247 -2.78 21.16 -5.17
N LYS B 248 -2.92 20.21 -6.11
CA LYS B 248 -2.01 20.12 -7.24
C LYS B 248 -1.97 21.41 -8.06
N ASP B 249 -3.11 22.07 -8.14
CA ASP B 249 -3.22 23.34 -8.85
C ASP B 249 -2.40 24.42 -8.14
N CYS B 250 -2.50 24.46 -6.81
CA CYS B 250 -1.72 25.40 -6.00
C CYS B 250 -0.23 25.16 -6.19
N LEU B 251 0.17 23.89 -6.16
CA LEU B 251 1.57 23.56 -6.34
C LEU B 251 2.06 24.00 -7.72
N LYS B 252 1.28 23.72 -8.74
CA LYS B 252 1.62 24.13 -10.09
C LYS B 252 1.78 25.65 -10.19
N LEU B 253 0.82 26.37 -9.61
CA LEU B 253 0.85 27.83 -9.63
C LEU B 253 2.08 28.39 -8.93
N MET B 254 2.42 27.80 -7.79
CA MET B 254 3.62 28.21 -7.04
C MET B 254 4.90 27.95 -7.82
N LYS B 255 5.04 26.74 -8.34
CA LYS B 255 6.20 26.37 -9.14
C LYS B 255 6.36 27.30 -10.33
N TYR B 256 5.24 27.59 -11.00
CA TYR B 256 5.23 28.48 -12.14
C TYR B 256 5.61 29.90 -11.74
N LEU B 257 5.18 30.31 -10.55
CA LEU B 257 5.55 31.61 -10.02
C LEU B 257 7.06 31.75 -9.87
N LEU B 258 7.65 30.82 -9.12
CA LEU B 258 9.10 30.85 -8.91
C LEU B 258 9.87 30.73 -10.23
N GLU B 259 9.40 29.84 -11.09
CA GLU B 259 10.01 29.64 -12.40
C GLU B 259 10.04 30.93 -13.20
N GLN B 260 8.90 31.59 -13.27
CA GLN B 260 8.77 32.83 -14.03
C GLN B 260 9.62 33.97 -13.44
N LEU B 261 9.64 34.07 -12.12
CA LEU B 261 10.45 35.10 -11.48
C LEU B 261 11.95 34.85 -11.71
N LYS B 262 12.36 33.58 -11.66
CA LYS B 262 13.74 33.20 -11.95
C LYS B 262 14.09 33.55 -13.39
N GLU B 263 13.13 33.35 -14.29
CA GLU B 263 13.34 33.65 -15.70
C GLU B 263 13.52 35.15 -15.94
N ARG B 264 12.64 35.96 -15.35
CA ARG B 264 12.69 37.41 -15.51
C ARG B 264 14.00 37.98 -14.99
N PHE B 265 14.46 37.47 -13.86
CA PHE B 265 15.69 37.95 -13.25
C PHE B 265 16.84 36.98 -13.48
N LYS B 266 16.94 36.48 -14.71
CA LYS B 266 18.03 35.60 -15.09
C LYS B 266 19.36 36.36 -15.08
N ASP B 267 19.30 37.64 -15.42
CA ASP B 267 20.48 38.49 -15.48
C ASP B 267 21.16 38.64 -14.12
N LYS B 268 20.37 38.74 -13.06
CA LYS B 268 20.91 38.80 -11.71
C LYS B 268 21.13 37.39 -11.15
N LYS B 269 21.90 37.29 -10.07
CA LYS B 269 22.25 36.00 -9.49
C LYS B 269 21.55 35.75 -8.16
N HIS B 270 20.54 36.55 -7.85
CA HIS B 270 19.84 36.46 -6.57
C HIS B 270 19.02 35.18 -6.42
N LEU B 271 18.25 34.85 -7.45
CA LEU B 271 17.28 33.75 -7.35
C LEU B 271 17.80 32.42 -7.87
N ASP B 272 19.11 32.35 -8.12
CA ASP B 272 19.70 31.13 -8.67
C ASP B 272 19.69 29.98 -7.68
N LYS B 273 19.77 30.29 -6.40
CA LYS B 273 19.83 29.25 -5.38
C LYS B 273 18.45 28.69 -5.03
N PHE B 274 17.39 29.41 -5.40
CA PHE B 274 16.03 28.94 -5.13
C PHE B 274 15.59 27.93 -6.19
N SER B 275 14.92 26.88 -5.75
CA SER B 275 14.48 25.82 -6.65
C SER B 275 13.05 25.42 -6.33
N SER B 276 12.46 24.62 -7.22
CA SER B 276 11.09 24.17 -7.06
C SER B 276 10.92 23.30 -5.83
N TYR B 277 12.02 22.80 -5.28
CA TYR B 277 11.93 21.93 -4.11
C TYR B 277 11.52 22.72 -2.86
N HIS B 278 11.94 23.98 -2.79
CA HIS B 278 11.56 24.88 -1.72
C HIS B 278 10.05 25.13 -1.76
N VAL B 279 9.57 25.34 -2.97
CA VAL B 279 8.15 25.49 -3.25
C VAL B 279 7.38 24.24 -2.81
N LYS B 280 7.86 23.08 -3.25
CA LYS B 280 7.23 21.81 -2.94
C LYS B 280 7.15 21.58 -1.43
N THR B 281 8.25 21.88 -0.75
CA THR B 281 8.34 21.74 0.70
C THR B 281 7.36 22.65 1.43
N ALA B 282 7.36 23.92 1.07
CA ALA B 282 6.42 24.88 1.64
C ALA B 282 4.99 24.38 1.44
N PHE B 283 4.72 23.86 0.24
CA PHE B 283 3.41 23.34 -0.08
C PHE B 283 3.03 22.19 0.85
N PHE B 284 3.98 21.29 1.12
CA PHE B 284 3.73 20.17 2.03
C PHE B 284 3.42 20.68 3.44
N HIS B 285 4.16 21.69 3.88
CA HIS B 285 3.92 22.26 5.20
C HIS B 285 2.54 22.89 5.32
N VAL B 286 2.10 23.54 4.24
CA VAL B 286 0.77 24.12 4.19
C VAL B 286 -0.28 23.00 4.23
N CYS B 287 0.02 21.89 3.56
CA CYS B 287 -0.87 20.73 3.56
C CYS B 287 -1.03 20.17 4.97
N THR B 288 0.07 20.19 5.73
CA THR B 288 0.00 19.81 7.14
C THR B 288 -0.86 20.79 7.90
N GLN B 289 -0.66 22.08 7.65
CA GLN B 289 -1.43 23.13 8.31
C GLN B 289 -2.90 23.08 7.93
N ASN B 290 -3.18 22.62 6.73
CA ASN B 290 -4.56 22.50 6.24
C ASN B 290 -4.85 21.06 5.83
N PRO B 291 -5.19 20.21 6.81
CA PRO B 291 -5.38 18.77 6.59
C PRO B 291 -6.75 18.40 5.99
N GLN B 292 -7.74 19.26 6.15
CA GLN B 292 -9.08 18.97 5.67
C GLN B 292 -9.20 19.26 4.18
N ASP B 293 -9.93 18.41 3.47
CA ASP B 293 -10.18 18.60 2.04
C ASP B 293 -11.02 19.83 1.80
N SER B 294 -11.83 20.17 2.80
CA SER B 294 -12.71 21.33 2.76
C SER B 294 -11.92 22.62 2.77
N GLN B 295 -10.67 22.54 3.22
CA GLN B 295 -9.78 23.69 3.22
C GLN B 295 -9.13 23.86 1.87
N TRP B 296 -9.41 22.92 0.96
CA TRP B 296 -8.84 22.95 -0.39
C TRP B 296 -9.93 22.84 -1.44
N ASP B 297 -11.07 23.45 -1.18
CA ASP B 297 -12.18 23.44 -2.12
C ASP B 297 -11.78 24.17 -3.40
N ARG B 298 -12.28 23.71 -4.53
CA ARG B 298 -11.91 24.25 -5.83
C ARG B 298 -12.30 25.72 -5.98
N LYS B 299 -13.51 26.05 -5.55
CA LYS B 299 -14.03 27.41 -5.68
C LYS B 299 -13.24 28.40 -4.84
N ASP B 300 -12.49 27.90 -3.87
CA ASP B 300 -11.67 28.73 -3.01
C ASP B 300 -10.21 28.75 -3.45
N LEU B 301 -9.96 28.36 -4.70
CA LEU B 301 -8.60 28.31 -5.26
C LEU B 301 -7.76 29.55 -4.96
N GLY B 302 -8.26 30.70 -5.39
CA GLY B 302 -7.58 31.97 -5.18
C GLY B 302 -7.16 32.20 -3.74
N LEU B 303 -7.99 31.73 -2.82
CA LEU B 303 -7.67 31.79 -1.40
C LEU B 303 -6.48 30.89 -1.09
N CYS B 304 -6.64 29.61 -1.41
CA CYS B 304 -5.64 28.59 -1.07
C CYS B 304 -4.25 29.00 -1.55
N PHE B 305 -4.17 29.34 -2.83
CA PHE B 305 -2.93 29.79 -3.43
C PHE B 305 -2.28 30.89 -2.61
N ASP B 306 -3.05 31.91 -2.26
CA ASP B 306 -2.55 33.03 -1.46
C ASP B 306 -1.87 32.50 -0.20
N ASN B 307 -2.57 31.57 0.47
CA ASN B 307 -2.04 30.93 1.66
C ASN B 307 -0.62 30.47 1.43
N CYS B 308 -0.47 29.63 0.40
CA CYS B 308 0.84 29.10 0.04
C CYS B 308 1.82 30.26 -0.08
N VAL B 309 1.46 31.23 -0.92
CA VAL B 309 2.29 32.40 -1.16
C VAL B 309 2.71 32.97 0.19
N THR B 310 1.71 33.26 1.02
CA THR B 310 1.96 33.87 2.32
C THR B 310 2.97 33.05 3.10
N TYR B 311 2.70 31.74 3.21
CA TYR B 311 3.57 30.87 3.98
C TYR B 311 4.98 30.94 3.44
N PHE B 312 5.10 30.85 2.12
CA PHE B 312 6.41 30.83 1.49
C PHE B 312 7.14 32.11 1.87
N LEU B 313 6.43 33.23 1.79
CA LEU B 313 7.01 34.52 2.11
C LEU B 313 7.55 34.51 3.53
N GLN B 314 6.77 33.94 4.44
CA GLN B 314 7.18 33.85 5.83
C GLN B 314 8.49 33.09 5.94
N CYS B 315 8.58 31.99 5.21
CA CYS B 315 9.79 31.18 5.23
C CYS B 315 10.98 31.97 4.72
N LEU B 316 10.75 32.85 3.74
CA LEU B 316 11.81 33.70 3.24
C LEU B 316 12.14 34.78 4.24
N ARG B 317 11.10 35.25 4.93
CA ARG B 317 11.23 36.37 5.84
C ARG B 317 11.87 35.93 7.15
N THR B 318 11.47 34.77 7.64
CA THR B 318 11.97 34.25 8.91
C THR B 318 13.21 33.38 8.72
N GLU B 319 13.55 33.11 7.46
CA GLU B 319 14.67 32.25 7.11
C GLU B 319 14.55 30.87 7.74
N LYS B 320 13.36 30.29 7.66
CA LYS B 320 13.09 28.97 8.21
C LYS B 320 12.25 28.13 7.27
N LEU B 321 12.88 27.18 6.59
CA LEU B 321 12.16 26.23 5.75
C LEU B 321 12.65 24.81 6.02
N GLU B 322 12.06 24.16 7.00
CA GLU B 322 12.46 22.81 7.39
C GLU B 322 12.20 21.82 6.26
N ASN B 323 13.14 20.91 6.06
CA ASN B 323 12.93 19.81 5.13
C ASN B 323 11.77 18.97 5.66
N TYR B 324 10.81 18.66 4.79
CA TYR B 324 9.57 18.02 5.21
C TYR B 324 9.79 16.63 5.81
N PHE B 325 10.92 16.00 5.48
CA PHE B 325 11.25 14.67 5.98
C PHE B 325 12.32 14.76 7.06
N ILE B 326 13.11 15.83 7.01
CA ILE B 326 14.16 16.09 7.99
C ILE B 326 13.90 17.44 8.63
N PRO B 327 13.17 17.45 9.75
CA PRO B 327 12.77 18.70 10.41
C PRO B 327 13.94 19.58 10.87
N GLU B 328 15.06 18.97 11.22
CA GLU B 328 16.19 19.73 11.75
C GLU B 328 17.08 20.30 10.63
N PHE B 329 16.70 20.01 9.39
CA PHE B 329 17.42 20.52 8.23
C PHE B 329 16.70 21.72 7.63
N ASN B 330 17.26 22.90 7.82
CA ASN B 330 16.67 24.15 7.32
C ASN B 330 17.17 24.46 5.91
N LEU B 331 16.24 24.53 4.96
CA LEU B 331 16.61 24.78 3.57
C LEU B 331 16.94 26.25 3.33
N PHE B 332 16.39 27.13 4.17
CA PHE B 332 16.54 28.57 3.99
C PHE B 332 17.46 29.18 5.03
N SER B 333 18.37 28.38 5.58
CA SER B 333 19.32 28.91 6.55
C SER B 333 20.21 29.95 5.89
N SER B 334 20.78 30.85 6.69
CA SER B 334 21.64 31.90 6.17
C SER B 334 22.93 31.33 5.58
N ASN B 335 23.26 30.11 6.00
CA ASN B 335 24.46 29.44 5.51
C ASN B 335 24.27 28.95 4.08
N LEU B 336 23.04 28.55 3.74
CA LEU B 336 22.74 28.05 2.41
C LEU B 336 22.40 29.19 1.46
N ILE B 337 21.42 30.00 1.85
CA ILE B 337 21.01 31.15 1.05
C ILE B 337 21.17 32.42 1.88
N ASP B 338 21.83 33.42 1.32
CA ASP B 338 22.06 34.68 2.01
C ASP B 338 20.79 35.51 2.14
N LYS B 339 20.78 36.40 3.13
CA LYS B 339 19.62 37.23 3.44
C LYS B 339 19.15 38.07 2.25
N ARG B 340 20.11 38.67 1.54
CA ARG B 340 19.83 39.59 0.45
C ARG B 340 18.93 38.97 -0.62
N SER B 341 19.21 37.72 -0.96
CA SER B 341 18.45 36.99 -1.96
C SER B 341 17.00 36.76 -1.51
N LYS B 342 16.83 36.38 -0.26
CA LYS B 342 15.50 36.12 0.28
C LYS B 342 14.70 37.42 0.40
N GLU B 343 15.38 38.52 0.69
CA GLU B 343 14.71 39.82 0.72
C GLU B 343 14.26 40.23 -0.68
N PHE B 344 15.12 39.96 -1.66
CA PHE B 344 14.78 40.27 -3.05
C PHE B 344 13.56 39.46 -3.50
N LEU B 345 13.62 38.14 -3.31
CA LEU B 345 12.52 37.25 -3.70
C LEU B 345 11.24 37.61 -2.96
N THR B 346 11.37 37.97 -1.68
CA THR B 346 10.23 38.41 -0.89
C THR B 346 9.59 39.65 -1.51
N LYS B 347 10.41 40.64 -1.83
CA LYS B 347 9.92 41.88 -2.43
C LYS B 347 9.22 41.63 -3.78
N GLN B 348 9.83 40.81 -4.62
CA GLN B 348 9.26 40.51 -5.93
C GLN B 348 7.93 39.78 -5.81
N ILE B 349 7.87 38.79 -4.93
CA ILE B 349 6.64 38.02 -4.75
C ILE B 349 5.53 38.92 -4.21
N GLU B 350 5.88 39.79 -3.26
CA GLU B 350 4.91 40.74 -2.73
C GLU B 350 4.41 41.68 -3.82
N TYR B 351 5.31 42.11 -4.69
CA TYR B 351 4.96 42.96 -5.82
C TYR B 351 3.95 42.27 -6.71
N GLU B 352 4.28 41.04 -7.09
CA GLU B 352 3.41 40.24 -7.96
C GLU B 352 2.03 40.09 -7.33
N ARG B 353 2.01 39.75 -6.06
CA ARG B 353 0.77 39.52 -5.33
C ARG B 353 -0.07 40.78 -5.23
N ASN B 354 0.58 41.94 -5.11
CA ASN B 354 -0.12 43.21 -4.99
C ASN B 354 -0.66 43.72 -6.33
N ASN B 355 -0.15 43.18 -7.43
CA ASN B 355 -0.55 43.66 -8.75
C ASN B 355 -1.21 42.57 -9.61
N GLU B 356 -1.98 41.70 -8.95
CA GLU B 356 -2.74 40.65 -9.63
C GLU B 356 -1.87 39.71 -10.45
N PHE B 357 -0.62 39.54 -10.04
CA PHE B 357 0.34 38.64 -10.67
C PHE B 357 0.48 38.85 -12.18
N PRO B 358 1.13 39.95 -12.60
CA PRO B 358 1.35 40.23 -14.01
C PRO B 358 2.32 39.26 -14.67
N VAL B 359 2.98 38.44 -13.86
CA VAL B 359 3.93 37.47 -14.37
C VAL B 359 3.20 36.27 -14.96
N PHE B 360 1.92 36.14 -14.61
CA PHE B 360 1.07 35.09 -15.17
C PHE B 360 0.48 35.49 -16.52
N ASP B 361 0.51 36.79 -16.82
CA ASP B 361 -0.07 37.30 -18.04
C ASP B 361 0.88 37.13 -19.23
N GLU B 362 2.03 37.77 -19.15
CA GLU B 362 3.03 37.68 -20.22
C GLU B 362 4.45 37.82 -19.65
ZN ZN C . -14.08 3.61 11.22
C10 9BG D . -15.15 -24.05 4.11
C17 9BG D . -17.62 -25.22 7.10
C24 9BG D . -13.70 -19.38 7.92
C02 9BG D . -12.02 -22.10 4.63
C04 9BG D . -11.70 -22.75 7.03
C07 9BG D . -13.71 -23.65 5.72
C08 9BG D . -13.29 -22.96 4.59
C12 9BG D . -15.55 -25.09 6.21
C14 9BG D . -17.40 -26.43 5.96
C19 9BG D . -16.70 -24.32 6.89
C23 9BG D . -14.69 -20.04 8.85
C25 9BG D . -14.17 -17.81 7.59
N34 9BG D . -14.51 -19.18 4.75
O01 9BG D . -11.66 -21.51 3.66
N03 9BG D . -11.26 -22.02 5.85
N05 9BG D . -10.95 -22.67 8.24
N06 9BG D . -12.92 -23.57 6.97
N09 9BG D . -14.17 -23.20 3.61
N11 9BG D . -14.84 -24.32 5.41
O13 9BG D . -16.28 -26.24 5.39
C15 9BG D . -18.51 -26.40 4.95
O16 9BG D . -18.03 -25.72 3.76
O18 9BG D . -17.47 -25.75 8.43
O20 9BG D . -16.22 -23.73 8.20
P21 9BG D . -16.32 -22.08 8.38
O22 9BG D . -14.79 -21.42 8.54
O26 9BG D . -13.53 -16.85 8.52
P27 9BG D . -13.71 -17.02 10.23
O28 9BG D . -15.07 -17.57 10.55
O29 9BG D . -13.56 -15.68 10.86
O30 9BG D . -12.63 -17.96 10.78
C31 9BG D . -13.84 -17.55 6.39
O32 9BG D . -12.57 -16.72 6.36
C33 9BG D . -13.58 -18.94 5.68
C35 9BG D . -14.42 -18.81 3.40
N36 9BG D . -13.48 -18.13 2.66
C37 9BG D . -13.68 -17.93 1.40
N38 9BG D . -14.77 -18.34 0.79
C39 9BG D . -15.73 -19.00 1.45
N40 9BG D . -16.94 -19.46 0.75
C41 9BG D . -15.56 -19.25 2.81
N42 9BG D . -16.30 -19.86 3.75
C43 9BG D . -15.62 -19.80 4.93
O44 9BG D . -13.67 -20.01 6.79
O45 9BG D . -17.12 -21.77 9.58
O46 9BG D . -17.01 -21.47 7.12
ZN ZN E . -7.85 16.24 -4.36
C10 9BG F . 20.10 19.25 -6.63
C17 9BG F . 19.86 22.76 -8.70
C24 9BG F . 13.97 18.76 -9.21
C02 9BG F . 18.30 16.16 -7.66
C04 9BG F . 18.01 16.79 -10.05
C07 9BG F . 19.22 18.39 -8.45
C08 9BG F . 19.02 17.49 -7.40
C12 9BG F . 20.24 20.54 -8.64
C14 9BG F . 21.45 22.43 -8.30
C19 9BG F . 19.18 21.65 -8.56
C23 9BG F . 14.35 20.14 -9.73
C25 9BG F . 12.63 18.87 -8.22
N34 9BG F . 15.00 18.23 -6.15
O01 9BG F . 18.14 15.39 -6.76
N03 9BG F . 17.81 15.85 -8.97
N05 9BG F . 17.53 16.49 -11.36
N06 9BG F . 18.71 18.07 -9.81
N09 9BG F . 19.57 18.02 -6.29
N11 9BG F . 19.87 19.45 -7.96
O13 9BG F . 21.54 21.20 -8.01
C15 9BG F . 21.87 23.26 -7.11
O16 9BG F . 22.07 22.37 -5.99
O18 9BG F . 19.78 23.20 -10.06
O20 9BG F . 18.16 21.48 -9.68
P21 9BG F . 16.53 21.59 -9.29
O22 9BG F . 15.75 20.21 -9.82
O26 9BG F . 11.43 18.38 -8.93
P27 9BG F . 11.03 19.00 -10.50
O28 9BG F . 11.40 20.46 -10.57
O29 9BG F . 9.56 18.87 -10.72
O30 9BG F . 11.77 18.22 -11.58
C31 9BG F . 12.84 18.15 -7.18
O32 9BG F . 11.95 16.92 -7.21
C33 9BG F . 14.36 17.72 -7.20
C35 9BG F . 15.21 17.61 -4.92
N36 9BG F . 14.85 16.37 -4.41
C37 9BG F . 15.18 16.05 -3.21
N38 9BG F . 15.86 16.87 -2.43
C39 9BG F . 16.25 18.08 -2.86
N40 9BG F . 17.00 18.97 -1.98
C41 9BG F . 15.91 18.47 -4.16
N42 9BG F . 16.13 19.57 -4.89
C43 9BG F . 15.55 19.40 -6.11
O44 9BG F . 14.95 18.28 -8.52
O45 9BG F . 15.95 22.76 -9.94
O46 9BG F . 16.38 21.72 -7.74
#